data_8CUP
#
_entry.id   8CUP
#
_cell.length_a   43.290
_cell.length_b   83.820
_cell.length_c   203.380
_cell.angle_alpha   90.000
_cell.angle_beta   90.000
_cell.angle_gamma   90.000
#
_symmetry.space_group_name_H-M   'P 21 21 21'
#
loop_
_entity.id
_entity.type
_entity.pdbx_description
1 polymer Beta-lactamase
2 non-polymer '3-[(4S)-4-ethyl-5,7,7-trihydroxy-2,2,7-trioxo-6-oxa-2lambda~6~-thia-3-aza-7lambda~5~-phospha-5-boraheptan-1-yl]benzoic acid'
3 water water
#
_entity_poly.entity_id   1
_entity_poly.type   'polypeptide(L)'
_entity_poly.pdbx_seq_one_letter_code
;MGNTPKDQEIKKLVDQNFKPLLEKYDVPGMAVGVIQNNKKYEMYYGLQSVQDKKAVNSSTIFELGSVSKLFTATAGGYAK
NKGKISFDDTPGKYWKELKNTPIDQVNLLQLATYTSGNLALQFPDEVKTDQQVLTFFKDWKPKNSIGEYRQYSNPSIGLF
GKVVALSMNKPFDQVLEKTIFPALGLKHSYVNVPKTQMQNYAFGYNQENQPIRVNRGPLDAAPAYGVKSTLPDMLSFIHA
NLNPQKYPADIQRAINETHQGRYQVNTMYQALGWEEFSYPATLQTLLDSNSEQIVMKPNKVTAISKEPSVKMYHKTGSTN
GFGTYVVFIPKENIGLVMLTNKRIPNEERIKAAYAVLNAIKK
;
_entity_poly.pdbx_strand_id   B,A
#
loop_
_chem_comp.id
_chem_comp.type
_chem_comp.name
_chem_comp.formula
OZF non-polymer '3-[(4S)-4-ethyl-5,7,7-trihydroxy-2,2,7-trioxo-6-oxa-2lambda~6~-thia-3-aza-7lambda~5~-phospha-5-boraheptan-1-yl]benzoic acid' 'C11 H17 B N O9 P S'
#
# COMPACT_ATOMS: atom_id res chain seq x y z
N ASN A 3 -18.58 24.36 -9.57
CA ASN A 3 -18.28 23.55 -10.74
C ASN A 3 -16.90 23.85 -11.29
N THR A 4 -16.18 22.78 -11.67
CA THR A 4 -14.90 22.86 -12.37
C THR A 4 -14.92 21.88 -13.54
N PRO A 5 -14.58 22.32 -14.75
CA PRO A 5 -14.56 21.39 -15.88
C PRO A 5 -13.65 20.19 -15.65
N LYS A 6 -14.06 19.05 -16.23
CA LYS A 6 -13.35 17.80 -16.05
C LYS A 6 -11.88 17.90 -16.43
N ASP A 7 -11.59 18.57 -17.55
CA ASP A 7 -10.19 18.62 -17.96
C ASP A 7 -9.37 19.35 -16.92
N GLN A 8 -9.95 20.35 -16.26
CA GLN A 8 -9.23 21.04 -15.19
C GLN A 8 -9.14 20.18 -13.94
N GLU A 9 -10.16 19.38 -13.65
CA GLU A 9 -10.10 18.51 -12.48
C GLU A 9 -8.99 17.49 -12.64
N ILE A 10 -8.86 16.91 -13.84
CA ILE A 10 -7.79 15.95 -14.07
C ILE A 10 -6.42 16.62 -14.04
N LYS A 11 -6.30 17.78 -14.71
CA LYS A 11 -5.04 18.51 -14.63
C LYS A 11 -4.69 18.84 -13.17
N LYS A 12 -5.68 19.23 -12.36
CA LYS A 12 -5.33 19.53 -10.97
C LYS A 12 -4.86 18.28 -10.23
N LEU A 13 -5.46 17.12 -10.49
CA LEU A 13 -5.01 15.89 -9.83
C LEU A 13 -3.61 15.50 -10.27
N VAL A 14 -3.29 15.71 -11.55
CA VAL A 14 -1.94 15.41 -12.01
C VAL A 14 -0.94 16.40 -11.42
N ASP A 15 -1.31 17.68 -11.34
CA ASP A 15 -0.46 18.65 -10.67
C ASP A 15 -0.20 18.27 -9.22
N GLN A 16 -1.24 17.77 -8.54
CA GLN A 16 -1.10 17.48 -7.12
C GLN A 16 -0.24 16.26 -6.87
N ASN A 17 -0.26 15.29 -7.77
CA ASN A 17 0.36 14.00 -7.51
C ASN A 17 1.62 13.75 -8.31
N PHE A 18 1.70 14.23 -9.55
CA PHE A 18 2.88 14.00 -10.38
C PHE A 18 3.83 15.19 -10.42
N LYS A 19 3.28 16.40 -10.51
N LYS A 19 3.29 16.41 -10.51
CA LYS A 19 4.16 17.57 -10.62
CA LYS A 19 4.16 17.57 -10.62
C LYS A 19 5.18 17.66 -9.48
C LYS A 19 5.18 17.67 -9.48
N PRO A 20 4.86 17.36 -8.21
CA PRO A 20 5.88 17.45 -7.15
C PRO A 20 7.06 16.53 -7.36
N LEU A 21 6.90 15.46 -8.16
CA LEU A 21 8.00 14.54 -8.40
C LEU A 21 9.12 15.20 -9.19
N LEU A 22 8.79 16.20 -10.02
CA LEU A 22 9.82 16.90 -10.79
C LEU A 22 10.83 17.57 -9.87
N GLU A 23 10.36 18.33 -8.88
CA GLU A 23 11.28 18.97 -7.95
C GLU A 23 11.91 17.95 -7.01
N LYS A 24 11.13 16.96 -6.56
CA LYS A 24 11.66 15.99 -5.58
C LYS A 24 12.83 15.20 -6.16
N TYR A 25 12.74 14.80 -7.43
CA TYR A 25 13.77 13.97 -8.03
C TYR A 25 14.59 14.70 -9.09
N ASP A 26 14.43 16.03 -9.19
CA ASP A 26 15.22 16.84 -10.13
C ASP A 26 15.08 16.30 -11.55
N VAL A 27 13.83 16.11 -11.95
CA VAL A 27 13.48 15.55 -13.25
C VAL A 27 13.30 16.69 -14.24
N PRO A 28 14.02 16.70 -15.37
CA PRO A 28 13.86 17.82 -16.32
C PRO A 28 12.49 17.90 -16.96
N GLY A 29 11.91 16.77 -17.37
CA GLY A 29 10.71 16.78 -18.18
C GLY A 29 9.82 15.58 -17.93
N MET A 30 8.52 15.78 -18.09
CA MET A 30 7.52 14.75 -17.81
C MET A 30 6.32 14.94 -18.71
N ALA A 31 5.78 13.83 -19.20
CA ALA A 31 4.48 13.85 -19.85
C ALA A 31 3.57 12.87 -19.13
N VAL A 32 2.36 13.31 -18.82
CA VAL A 32 1.35 12.48 -18.18
C VAL A 32 0.08 12.56 -19.00
N GLY A 33 -0.49 11.43 -19.31
CA GLY A 33 -1.71 11.38 -20.09
C GLY A 33 -2.71 10.52 -19.35
N VAL A 34 -3.98 10.93 -19.42
CA VAL A 34 -5.10 10.16 -18.90
C VAL A 34 -6.09 9.98 -20.02
N ILE A 35 -6.63 8.77 -20.16
CA ILE A 35 -7.75 8.58 -21.05
C ILE A 35 -8.92 8.11 -20.21
N GLN A 36 -10.07 8.76 -20.35
CA GLN A 36 -11.25 8.33 -19.61
C GLN A 36 -12.44 8.41 -20.54
N ASN A 37 -13.16 7.29 -20.69
CA ASN A 37 -14.33 7.23 -21.56
C ASN A 37 -14.01 7.75 -22.96
N ASN A 38 -12.88 7.30 -23.50
CA ASN A 38 -12.39 7.67 -24.84
C ASN A 38 -12.06 9.17 -24.99
N LYS A 39 -11.96 9.93 -23.91
CA LYS A 39 -11.46 11.30 -23.97
C LYS A 39 -10.01 11.30 -23.48
N LYS A 40 -9.12 11.96 -24.22
CA LYS A 40 -7.71 12.01 -23.85
C LYS A 40 -7.33 13.37 -23.25
N TYR A 41 -6.52 13.32 -22.20
CA TYR A 41 -6.06 14.50 -21.48
C TYR A 41 -4.55 14.42 -21.40
N GLU A 42 -3.86 15.44 -21.89
CA GLU A 42 -2.41 15.40 -22.03
C GLU A 42 -1.80 16.51 -21.19
N MET A 43 -0.79 16.18 -20.38
CA MET A 43 -0.18 17.17 -19.50
C MET A 43 1.33 17.10 -19.68
N TYR A 44 1.96 18.21 -20.06
CA TYR A 44 3.40 18.24 -20.35
C TYR A 44 4.09 19.19 -19.38
N TYR A 45 5.19 18.75 -18.79
CA TYR A 45 5.93 19.57 -17.84
C TYR A 45 7.40 19.60 -18.22
N GLY A 46 8.03 20.76 -18.02
CA GLY A 46 9.48 20.80 -18.05
C GLY A 46 10.05 20.75 -19.46
N LEU A 47 11.28 20.27 -19.56
CA LEU A 47 12.08 20.37 -20.76
C LEU A 47 12.46 18.99 -21.28
N GLN A 48 12.34 18.80 -22.59
CA GLN A 48 12.91 17.61 -23.20
C GLN A 48 14.44 17.71 -23.34
N SER A 49 14.97 18.93 -23.50
CA SER A 49 16.40 19.19 -23.50
C SER A 49 16.65 20.40 -22.61
N VAL A 50 17.42 20.20 -21.55
CA VAL A 50 17.71 21.29 -20.65
C VAL A 50 18.55 22.35 -21.36
N GLN A 51 19.58 21.91 -22.08
CA GLN A 51 20.50 22.90 -22.67
C GLN A 51 19.87 23.68 -23.80
N ASP A 52 18.89 23.10 -24.50
CA ASP A 52 18.21 23.76 -25.60
C ASP A 52 16.96 24.52 -25.14
N LYS A 53 16.63 24.44 -23.85
CA LYS A 53 15.43 25.04 -23.30
C LYS A 53 14.18 24.62 -24.09
N LYS A 54 14.16 23.36 -24.55
CA LYS A 54 13.09 22.88 -25.40
C LYS A 54 12.02 22.20 -24.53
N ALA A 55 10.79 22.72 -24.58
CA ALA A 55 9.74 22.21 -23.72
C ALA A 55 9.28 20.83 -24.16
N VAL A 56 8.96 19.99 -23.17
CA VAL A 56 8.26 18.74 -23.44
C VAL A 56 6.92 19.09 -24.08
N ASN A 57 6.52 18.32 -25.08
CA ASN A 57 5.28 18.61 -25.79
C ASN A 57 4.79 17.32 -26.44
N SER A 58 3.70 17.44 -27.21
CA SER A 58 3.08 16.26 -27.81
C SER A 58 3.98 15.55 -28.80
N SER A 59 5.03 16.20 -29.30
CA SER A 59 5.96 15.56 -30.22
C SER A 59 7.17 14.94 -29.53
N THR A 60 7.33 15.12 -28.22
CA THR A 60 8.53 14.61 -27.56
C THR A 60 8.54 13.09 -27.53
N ILE A 61 9.66 12.53 -27.99
CA ILE A 61 9.88 11.09 -27.99
C ILE A 61 10.66 10.70 -26.76
N PHE A 62 10.16 9.68 -26.03
CA PHE A 62 10.77 9.14 -24.82
C PHE A 62 11.14 7.68 -25.03
N GLU A 63 12.16 7.21 -24.30
CA GLU A 63 12.45 5.77 -24.29
C GLU A 63 11.52 5.06 -23.33
N LEU A 64 10.93 3.94 -23.76
CA LEU A 64 9.97 3.22 -22.93
C LEU A 64 10.60 2.16 -22.03
N GLY A 65 11.86 1.81 -22.24
CA GLY A 65 12.42 0.75 -21.42
C GLY A 65 11.58 -0.52 -21.52
N SER A 66 11.36 -1.17 -20.37
CA SER A 66 10.66 -2.45 -20.39
C SER A 66 9.20 -2.34 -20.82
N VAL A 67 8.61 -1.14 -20.90
CA VAL A 67 7.28 -1.04 -21.49
C VAL A 67 7.33 -1.49 -22.95
N SER A 68 8.53 -1.50 -23.56
CA SER A 68 8.69 -2.08 -24.89
C SER A 68 8.15 -3.51 -24.95
N LYS A 69 8.22 -4.24 -23.83
CA LYS A 69 7.77 -5.63 -23.83
C LYS A 69 6.29 -5.75 -24.15
N LEU A 70 5.50 -4.70 -23.92
CA LEU A 70 4.09 -4.76 -24.25
C LEU A 70 3.87 -4.81 -25.75
N PHE A 71 4.74 -4.14 -26.52
CA PHE A 71 4.64 -4.23 -27.96
C PHE A 71 5.13 -5.58 -28.46
N THR A 72 6.19 -6.12 -27.85
CA THR A 72 6.63 -7.47 -28.19
C THR A 72 5.55 -8.49 -27.94
N ALA A 73 4.88 -8.37 -26.78
CA ALA A 73 3.76 -9.24 -26.45
C ALA A 73 2.65 -9.12 -27.49
N THR A 74 2.31 -7.88 -27.88
CA THR A 74 1.27 -7.69 -28.89
C THR A 74 1.69 -8.31 -30.22
N ALA A 75 2.96 -8.16 -30.61
CA ALA A 75 3.43 -8.77 -31.84
C ALA A 75 3.32 -10.29 -31.76
N GLY A 76 3.65 -10.86 -30.60
CA GLY A 76 3.49 -12.31 -30.42
C GLY A 76 2.05 -12.76 -30.51
N GLY A 77 1.13 -12.01 -29.87
CA GLY A 77 -0.29 -12.31 -30.02
C GLY A 77 -0.77 -12.20 -31.44
N TYR A 78 -0.19 -11.29 -32.20
CA TYR A 78 -0.58 -11.11 -33.59
C TYR A 78 -0.14 -12.30 -34.42
N ALA A 79 1.12 -12.71 -34.26
CA ALA A 79 1.65 -13.85 -35.00
C ALA A 79 0.93 -15.13 -34.62
N LYS A 80 0.60 -15.30 -33.34
CA LYS A 80 -0.10 -16.51 -32.90
C LYS A 80 -1.48 -16.59 -33.52
N ASN A 81 -2.23 -15.48 -33.51
CA ASN A 81 -3.58 -15.56 -34.03
C ASN A 81 -3.64 -15.46 -35.56
N LYS A 82 -2.51 -15.20 -36.20
CA LYS A 82 -2.32 -15.34 -37.64
C LYS A 82 -1.88 -16.75 -38.03
N GLY A 83 -1.66 -17.64 -37.06
CA GLY A 83 -1.18 -18.98 -37.35
C GLY A 83 0.30 -19.08 -37.65
N LYS A 84 1.07 -18.03 -37.40
CA LYS A 84 2.50 -18.07 -37.69
C LYS A 84 3.29 -18.77 -36.59
N ILE A 85 2.80 -18.76 -35.34
CA ILE A 85 3.40 -19.49 -34.23
C ILE A 85 2.29 -20.10 -33.38
N SER A 86 2.67 -21.11 -32.61
CA SER A 86 1.94 -21.57 -31.45
C SER A 86 2.79 -21.29 -30.22
N PHE A 87 2.13 -20.90 -29.13
CA PHE A 87 2.88 -20.68 -27.90
C PHE A 87 3.44 -21.99 -27.32
N ASP A 88 2.96 -23.14 -27.81
CA ASP A 88 3.53 -24.43 -27.42
C ASP A 88 4.76 -24.79 -28.23
N ASP A 89 5.08 -24.02 -29.27
CA ASP A 89 6.31 -24.25 -30.02
C ASP A 89 7.54 -23.94 -29.19
N THR A 90 8.67 -24.45 -29.63
CA THR A 90 9.95 -24.15 -29.04
C THR A 90 10.75 -23.31 -30.02
N PRO A 91 11.77 -22.59 -29.53
CA PRO A 91 12.45 -21.62 -30.39
C PRO A 91 13.22 -22.24 -31.55
N GLY A 92 13.70 -23.48 -31.41
CA GLY A 92 14.42 -24.13 -32.50
C GLY A 92 13.58 -24.42 -33.72
N LYS A 93 12.25 -24.37 -33.59
CA LYS A 93 11.38 -24.49 -34.76
C LYS A 93 11.60 -23.33 -35.73
N TYR A 94 12.02 -22.18 -35.21
CA TYR A 94 12.18 -20.97 -36.02
C TYR A 94 13.62 -20.52 -36.16
N TRP A 95 14.41 -20.59 -35.09
CA TRP A 95 15.84 -20.31 -35.14
C TRP A 95 16.52 -21.68 -35.16
N LYS A 96 16.81 -22.20 -36.37
CA LYS A 96 17.21 -23.61 -36.48
C LYS A 96 18.53 -23.91 -35.78
N GLU A 97 19.41 -22.92 -35.62
CA GLU A 97 20.66 -23.15 -34.94
C GLU A 97 20.48 -23.52 -33.47
N LEU A 98 19.28 -23.39 -32.93
CA LEU A 98 18.99 -23.76 -31.54
C LEU A 98 18.38 -25.15 -31.43
N LYS A 99 18.09 -25.81 -32.55
CA LYS A 99 17.71 -27.22 -32.49
C LYS A 99 18.78 -28.03 -31.79
N ASN A 100 18.34 -29.07 -31.06
CA ASN A 100 19.24 -29.99 -30.35
C ASN A 100 20.05 -29.27 -29.27
N THR A 101 19.51 -28.20 -28.71
CA THR A 101 20.13 -27.51 -27.58
C THR A 101 19.15 -27.54 -26.40
N PRO A 102 19.64 -27.42 -25.18
CA PRO A 102 18.71 -27.43 -24.04
C PRO A 102 17.60 -26.38 -24.14
N ILE A 103 17.90 -25.18 -24.66
CA ILE A 103 16.87 -24.15 -24.67
C ILE A 103 15.74 -24.51 -25.62
N ASP A 104 16.01 -25.40 -26.60
CA ASP A 104 14.90 -25.83 -27.43
C ASP A 104 13.92 -26.71 -26.65
N GLN A 105 14.05 -26.90 -25.34
CA GLN A 105 13.02 -27.56 -24.56
C GLN A 105 11.99 -26.57 -24.01
N VAL A 106 12.25 -25.26 -24.12
CA VAL A 106 11.44 -24.23 -23.49
C VAL A 106 10.42 -23.75 -24.52
N ASN A 107 9.15 -23.61 -24.13
CA ASN A 107 8.21 -23.19 -25.17
C ASN A 107 8.12 -21.66 -25.22
N LEU A 108 7.47 -21.15 -26.27
CA LEU A 108 7.47 -19.71 -26.52
C LEU A 108 6.78 -18.95 -25.40
N LEU A 109 5.68 -19.51 -24.86
CA LEU A 109 5.00 -18.85 -23.76
C LEU A 109 5.90 -18.76 -22.54
N GLN A 110 6.69 -19.81 -22.30
CA GLN A 110 7.58 -19.78 -21.15
C GLN A 110 8.70 -18.76 -21.35
N LEU A 111 9.17 -18.59 -22.59
CA LEU A 111 10.11 -17.52 -22.85
C LEU A 111 9.44 -16.17 -22.61
N ALA A 112 8.21 -16.00 -23.08
CA ALA A 112 7.58 -14.68 -23.00
C ALA A 112 7.24 -14.30 -21.56
N THR A 113 7.02 -15.29 -20.69
CA THR A 113 6.59 -15.05 -19.30
C THR A 113 7.66 -15.47 -18.29
N TYR A 114 8.91 -15.63 -18.75
CA TYR A 114 10.10 -15.65 -17.88
C TYR A 114 10.21 -16.94 -17.07
N THR A 115 9.73 -18.08 -17.58
CA THR A 115 9.77 -19.29 -16.77
C THR A 115 10.67 -20.39 -17.35
N SER A 116 11.69 -20.01 -18.12
CA SER A 116 12.60 -21.02 -18.66
C SER A 116 13.34 -21.75 -17.55
N GLY A 117 13.55 -21.11 -16.40
CA GLY A 117 14.28 -21.73 -15.31
C GLY A 117 15.74 -21.34 -15.18
N ASN A 118 16.32 -20.62 -16.15
CA ASN A 118 17.71 -20.24 -16.03
C ASN A 118 18.08 -19.08 -16.95
N LEU A 119 17.29 -18.01 -16.96
CA LEU A 119 17.64 -16.82 -17.73
C LEU A 119 17.63 -15.63 -16.78
N ALA A 120 18.77 -14.95 -16.71
CA ALA A 120 18.96 -13.86 -15.78
C ALA A 120 18.38 -12.57 -16.34
N LEU A 121 18.44 -11.52 -15.52
CA LEU A 121 17.79 -10.25 -15.87
C LEU A 121 18.33 -9.68 -17.19
N GLN A 122 19.64 -9.68 -17.38
CA GLN A 122 20.23 -9.02 -18.54
C GLN A 122 21.09 -9.97 -19.32
N PHE A 123 21.27 -9.65 -20.61
CA PHE A 123 22.38 -10.21 -21.35
C PHE A 123 23.68 -9.78 -20.66
N PRO A 124 24.66 -10.66 -20.57
CA PRO A 124 26.00 -10.20 -20.14
C PRO A 124 26.49 -9.04 -21.01
N ASP A 125 27.26 -8.13 -20.39
CA ASP A 125 27.76 -6.97 -21.10
C ASP A 125 28.53 -7.36 -22.36
N GLU A 126 29.28 -8.47 -22.30
CA GLU A 126 30.10 -8.86 -23.45
C GLU A 126 29.29 -9.42 -24.60
N VAL A 127 28.00 -9.69 -24.40
CA VAL A 127 27.17 -10.26 -25.45
C VAL A 127 26.66 -9.09 -26.29
N LYS A 128 27.25 -8.92 -27.47
CA LYS A 128 26.89 -7.79 -28.34
C LYS A 128 26.52 -8.20 -29.75
N THR A 129 27.24 -9.15 -30.34
CA THR A 129 26.99 -9.51 -31.73
C THR A 129 25.94 -10.61 -31.81
N ASP A 130 25.41 -10.79 -33.02
CA ASP A 130 24.45 -11.85 -33.26
C ASP A 130 25.05 -13.21 -32.94
N GLN A 131 26.34 -13.41 -33.26
CA GLN A 131 26.96 -14.71 -32.95
C GLN A 131 27.12 -14.89 -31.45
N GLN A 132 27.43 -13.81 -30.72
CA GLN A 132 27.53 -13.94 -29.27
C GLN A 132 26.17 -14.26 -28.66
N VAL A 133 25.10 -13.70 -29.21
CA VAL A 133 23.76 -14.04 -28.72
C VAL A 133 23.44 -15.51 -29.02
N LEU A 134 23.72 -15.96 -30.24
CA LEU A 134 23.56 -17.37 -30.56
C LEU A 134 24.34 -18.25 -29.58
N THR A 135 25.60 -17.90 -29.33
CA THR A 135 26.41 -18.69 -28.41
C THR A 135 25.85 -18.65 -27.00
N PHE A 136 25.35 -17.48 -26.60
CA PHE A 136 24.74 -17.35 -25.27
C PHE A 136 23.60 -18.33 -25.13
N PHE A 137 22.74 -18.44 -26.14
CA PHE A 137 21.59 -19.33 -26.01
C PHE A 137 21.98 -20.78 -26.23
N LYS A 138 23.03 -21.05 -26.99
CA LYS A 138 23.48 -22.43 -27.19
C LYS A 138 24.09 -22.99 -25.90
N ASP A 139 24.80 -22.15 -25.17
CA ASP A 139 25.44 -22.54 -23.92
C ASP A 139 24.48 -22.51 -22.74
N TRP A 140 23.19 -22.28 -23.00
CA TRP A 140 22.20 -22.26 -21.94
C TRP A 140 21.90 -23.70 -21.51
N LYS A 141 21.93 -23.93 -20.21
CA LYS A 141 21.49 -25.18 -19.66
C LYS A 141 20.40 -24.92 -18.63
N PRO A 142 19.46 -25.83 -18.48
CA PRO A 142 18.39 -25.63 -17.49
C PRO A 142 18.94 -25.75 -16.09
N LYS A 143 18.43 -24.88 -15.20
CA LYS A 143 18.69 -24.97 -13.78
C LYS A 143 17.44 -25.52 -13.11
N ASN A 144 16.46 -24.64 -12.92
CA ASN A 144 15.19 -25.05 -12.37
C ASN A 144 14.39 -25.82 -13.42
N SER A 145 13.41 -26.59 -12.94
CA SER A 145 12.49 -27.25 -13.86
C SER A 145 11.78 -26.21 -14.72
N ILE A 146 11.75 -26.46 -16.03
CA ILE A 146 11.18 -25.48 -16.95
C ILE A 146 9.71 -25.23 -16.64
N GLY A 147 9.33 -23.96 -16.58
CA GLY A 147 7.96 -23.58 -16.30
C GLY A 147 7.61 -23.40 -14.83
N GLU A 148 8.48 -23.81 -13.91
CA GLU A 148 8.19 -23.81 -12.48
C GLU A 148 8.39 -22.43 -11.85
N TYR A 149 9.42 -21.72 -12.27
CA TYR A 149 9.86 -20.50 -11.58
C TYR A 149 9.88 -19.31 -12.53
N ARG A 150 9.38 -18.18 -12.04
CA ARG A 150 9.43 -16.92 -12.79
C ARG A 150 10.68 -16.14 -12.37
N GLN A 151 11.53 -15.80 -13.34
CA GLN A 151 12.65 -14.89 -13.12
C GLN A 151 12.64 -13.84 -14.22
N TYR A 152 12.26 -12.61 -13.88
CA TYR A 152 12.18 -11.56 -14.89
C TYR A 152 13.49 -11.47 -15.67
N SER A 153 13.38 -11.42 -17.00
CA SER A 153 14.54 -11.66 -17.83
C SER A 153 14.40 -10.98 -19.18
N ASN A 154 15.33 -10.06 -19.47
CA ASN A 154 15.32 -9.43 -20.79
C ASN A 154 15.73 -10.42 -21.88
N PRO A 155 16.78 -11.23 -21.73
CA PRO A 155 17.08 -12.20 -22.80
C PRO A 155 15.93 -13.18 -23.08
N SER A 156 15.16 -13.52 -22.05
CA SER A 156 14.03 -14.44 -22.25
C SER A 156 13.02 -13.86 -23.22
N ILE A 157 12.55 -12.64 -22.97
CA ILE A 157 11.56 -12.09 -23.87
C ILE A 157 12.21 -11.57 -25.15
N GLY A 158 13.52 -11.31 -25.13
CA GLY A 158 14.22 -10.97 -26.35
C GLY A 158 14.25 -12.13 -27.32
N LEU A 159 14.50 -13.34 -26.82
CA LEU A 159 14.42 -14.53 -27.68
C LEU A 159 13.02 -14.75 -28.21
N PHE A 160 12.01 -14.56 -27.36
CA PHE A 160 10.63 -14.61 -27.81
C PHE A 160 10.39 -13.65 -28.97
N GLY A 161 10.82 -12.39 -28.82
CA GLY A 161 10.63 -11.41 -29.89
C GLY A 161 11.37 -11.77 -31.16
N LYS A 162 12.60 -12.26 -31.03
CA LYS A 162 13.35 -12.70 -32.21
C LYS A 162 12.59 -13.80 -32.93
N VAL A 163 12.03 -14.75 -32.18
CA VAL A 163 11.32 -15.88 -32.78
C VAL A 163 10.03 -15.41 -33.44
N VAL A 164 9.27 -14.52 -32.77
CA VAL A 164 8.10 -13.92 -33.40
C VAL A 164 8.48 -13.29 -34.73
N ALA A 165 9.58 -12.55 -34.75
CA ALA A 165 10.01 -11.89 -35.98
C ALA A 165 10.37 -12.90 -37.07
N LEU A 166 11.13 -13.94 -36.70
CA LEU A 166 11.45 -14.99 -37.67
C LEU A 166 10.18 -15.59 -38.26
N SER A 167 9.17 -15.84 -37.41
CA SER A 167 7.95 -16.45 -37.90
C SER A 167 7.17 -15.55 -38.85
N MET A 168 7.44 -14.26 -38.83
CA MET A 168 6.78 -13.30 -39.70
C MET A 168 7.67 -12.90 -40.87
N ASN A 169 8.86 -13.51 -40.98
CA ASN A 169 9.77 -13.33 -42.10
C ASN A 169 10.23 -11.88 -42.25
N LYS A 170 10.38 -11.14 -41.16
CA LYS A 170 10.94 -9.79 -41.21
C LYS A 170 11.72 -9.53 -39.94
N PRO A 171 12.67 -8.59 -39.96
CA PRO A 171 13.35 -8.20 -38.71
C PRO A 171 12.35 -7.60 -37.73
N PHE A 172 12.66 -7.76 -36.46
CA PHE A 172 11.76 -7.31 -35.40
C PHE A 172 11.46 -5.82 -35.52
N ASP A 173 12.46 -4.98 -35.84
CA ASP A 173 12.20 -3.56 -35.97
C ASP A 173 11.13 -3.31 -37.02
N GLN A 174 11.13 -4.11 -38.09
CA GLN A 174 10.15 -3.99 -39.16
C GLN A 174 8.81 -4.56 -38.74
N VAL A 175 8.82 -5.63 -37.96
CA VAL A 175 7.56 -6.15 -37.43
C VAL A 175 6.82 -5.06 -36.68
N LEU A 176 7.52 -4.34 -35.81
CA LEU A 176 6.86 -3.26 -35.08
C LEU A 176 6.56 -2.08 -36.00
N GLU A 177 7.56 -1.60 -36.75
CA GLU A 177 7.37 -0.32 -37.41
C GLU A 177 6.46 -0.42 -38.63
N LYS A 178 6.41 -1.59 -39.30
CA LYS A 178 5.58 -1.72 -40.49
C LYS A 178 4.28 -2.46 -40.26
N THR A 179 4.17 -3.27 -39.22
CA THR A 179 2.95 -4.03 -39.00
C THR A 179 2.23 -3.64 -37.72
N ILE A 180 2.88 -3.71 -36.56
CA ILE A 180 2.17 -3.58 -35.30
C ILE A 180 1.83 -2.13 -35.00
N PHE A 181 2.82 -1.23 -35.07
CA PHE A 181 2.51 0.17 -34.80
C PHE A 181 1.42 0.71 -35.71
N PRO A 182 1.47 0.51 -37.03
CA PRO A 182 0.37 0.99 -37.87
C PRO A 182 -0.98 0.36 -37.53
N ALA A 183 -1.00 -0.94 -37.24
CA ALA A 183 -2.28 -1.58 -36.86
C ALA A 183 -2.88 -0.93 -35.62
N LEU A 184 -2.02 -0.43 -34.72
CA LEU A 184 -2.49 0.19 -33.49
C LEU A 184 -2.76 1.67 -33.67
N GLY A 185 -2.51 2.21 -34.87
CA GLY A 185 -2.67 3.62 -35.14
C GLY A 185 -1.62 4.51 -34.52
N LEU A 186 -0.42 3.99 -34.25
CA LEU A 186 0.66 4.81 -33.70
C LEU A 186 1.46 5.43 -34.82
N LYS A 187 1.71 6.73 -34.72
CA LYS A 187 2.37 7.49 -35.77
C LYS A 187 3.79 7.93 -35.44
N HIS A 188 4.18 7.92 -34.17
CA HIS A 188 5.51 8.40 -33.78
C HIS A 188 6.11 7.49 -32.74
N SER A 189 6.01 6.20 -33.01
CA SER A 189 6.63 5.17 -32.20
C SER A 189 7.67 4.46 -33.06
N TYR A 190 8.79 4.13 -32.45
CA TYR A 190 9.95 3.69 -33.21
C TYR A 190 10.75 2.65 -32.44
N VAL A 191 11.38 1.75 -33.19
CA VAL A 191 12.54 1.05 -32.66
C VAL A 191 13.81 1.83 -32.97
N ASN A 192 13.90 2.42 -34.16
CA ASN A 192 15.00 3.31 -34.53
C ASN A 192 14.43 4.67 -34.89
N VAL A 193 14.77 5.68 -34.11
CA VAL A 193 14.24 7.02 -34.38
C VAL A 193 14.91 7.57 -35.62
N PRO A 194 14.16 8.02 -36.62
CA PRO A 194 14.79 8.50 -37.87
C PRO A 194 15.39 9.88 -37.69
N LYS A 195 16.27 10.24 -38.63
CA LYS A 195 16.97 11.52 -38.54
C LYS A 195 15.99 12.68 -38.47
N THR A 196 14.87 12.58 -39.20
CA THR A 196 13.86 13.63 -39.24
C THR A 196 13.14 13.80 -37.93
N GLN A 197 13.30 12.87 -36.99
CA GLN A 197 12.67 12.99 -35.68
C GLN A 197 13.65 13.24 -34.57
N MET A 198 14.96 13.29 -34.85
CA MET A 198 15.93 13.44 -33.77
C MET A 198 15.70 14.74 -33.00
N GLN A 199 15.19 15.79 -33.66
CA GLN A 199 14.93 17.03 -32.93
C GLN A 199 13.86 16.84 -31.87
N ASN A 200 13.07 15.78 -31.97
CA ASN A 200 12.00 15.52 -31.02
C ASN A 200 12.36 14.47 -30.00
N TYR A 201 13.51 13.83 -30.13
CA TYR A 201 13.96 12.76 -29.24
C TYR A 201 14.58 13.41 -28.00
N ALA A 202 13.90 13.31 -26.86
CA ALA A 202 14.40 13.91 -25.64
C ALA A 202 15.76 13.34 -25.29
N PHE A 203 16.59 14.20 -24.69
CA PHE A 203 17.70 13.67 -23.94
C PHE A 203 17.16 12.91 -22.74
N GLY A 204 17.80 11.77 -22.43
CA GLY A 204 17.66 11.21 -21.10
C GLY A 204 18.62 11.87 -20.15
N TYR A 205 18.33 11.81 -18.87
CA TYR A 205 19.21 12.43 -17.88
C TYR A 205 19.55 11.42 -16.81
N ASN A 206 20.84 11.29 -16.54
CA ASN A 206 21.28 10.30 -15.56
C ASN A 206 21.13 10.87 -14.15
N GLN A 207 21.61 10.13 -13.14
CA GLN A 207 21.34 10.58 -11.78
C GLN A 207 22.20 11.78 -11.37
N GLU A 208 23.13 12.19 -12.22
CA GLU A 208 23.83 13.47 -12.08
C GLU A 208 23.24 14.55 -12.98
N ASN A 209 22.05 14.32 -13.55
CA ASN A 209 21.39 15.25 -14.46
C ASN A 209 22.27 15.60 -15.66
N GLN A 210 23.08 14.63 -16.08
CA GLN A 210 23.78 14.77 -17.34
C GLN A 210 22.99 14.11 -18.47
N PRO A 211 22.93 14.78 -19.62
CA PRO A 211 22.20 14.22 -20.78
C PRO A 211 22.88 12.97 -21.31
N ILE A 212 22.08 11.92 -21.53
CA ILE A 212 22.51 10.62 -22.07
C ILE A 212 21.41 10.12 -23.00
N ARG A 213 21.61 8.93 -23.58
CA ARG A 213 20.56 8.24 -24.33
C ARG A 213 20.88 6.75 -24.39
N VAL A 214 19.85 5.91 -24.50
CA VAL A 214 20.07 4.46 -24.53
C VAL A 214 20.95 4.12 -25.74
N ASN A 215 21.86 3.19 -25.54
CA ASN A 215 22.78 2.86 -26.62
C ASN A 215 23.14 1.38 -26.71
N ARG A 216 23.09 0.63 -25.62
CA ARG A 216 23.79 -0.64 -25.55
C ARG A 216 22.85 -1.83 -25.68
N GLY A 217 23.45 -3.01 -25.65
CA GLY A 217 22.73 -4.25 -25.80
C GLY A 217 22.80 -4.75 -27.22
N PRO A 218 22.64 -6.06 -27.39
CA PRO A 218 22.57 -6.63 -28.74
C PRO A 218 21.28 -6.22 -29.43
N LEU A 219 21.27 -6.41 -30.75
CA LEU A 219 20.04 -6.22 -31.51
C LEU A 219 18.85 -6.97 -30.92
N ASP A 220 19.06 -8.22 -30.46
CA ASP A 220 17.95 -9.01 -29.95
C ASP A 220 17.50 -8.62 -28.55
N ALA A 221 18.04 -7.52 -28.00
CA ALA A 221 17.49 -6.91 -26.79
C ALA A 221 16.40 -5.90 -27.10
N ALA A 222 16.26 -5.50 -28.37
CA ALA A 222 15.23 -4.51 -28.69
C ALA A 222 13.83 -4.95 -28.29
N PRO A 223 13.45 -6.23 -28.36
CA PRO A 223 12.11 -6.62 -27.89
C PRO A 223 11.94 -6.43 -26.42
N ALA A 224 13.03 -6.31 -25.68
CA ALA A 224 12.92 -6.14 -24.24
C ALA A 224 12.88 -4.69 -23.82
N TYR A 225 13.61 -3.81 -24.54
CA TYR A 225 13.64 -2.41 -24.08
C TYR A 225 13.96 -1.41 -25.20
N GLY A 226 13.75 -1.73 -26.47
CA GLY A 226 14.20 -0.86 -27.54
C GLY A 226 13.19 0.08 -28.17
N VAL A 227 12.01 0.27 -27.57
CA VAL A 227 10.98 1.11 -28.21
C VAL A 227 10.98 2.53 -27.64
N LYS A 228 10.73 3.49 -28.52
CA LYS A 228 10.59 4.91 -28.19
C LYS A 228 9.21 5.37 -28.64
N SER A 229 8.59 6.29 -27.89
CA SER A 229 7.25 6.70 -28.28
C SER A 229 6.93 8.07 -27.68
N THR A 230 5.78 8.61 -28.07
CA THR A 230 5.30 9.89 -27.58
C THR A 230 4.08 9.68 -26.67
N LEU A 231 3.74 10.74 -25.94
CA LEU A 231 2.57 10.62 -25.08
C LEU A 231 1.31 10.40 -25.89
N PRO A 232 1.05 11.09 -27.00
CA PRO A 232 -0.16 10.78 -27.78
C PRO A 232 -0.19 9.34 -28.26
N ASP A 233 0.96 8.81 -28.69
CA ASP A 233 0.98 7.43 -29.14
C ASP A 233 0.73 6.46 -27.99
N MET A 234 1.27 6.72 -26.80
CA MET A 234 1.00 5.78 -25.72
C MET A 234 -0.44 5.89 -25.24
N LEU A 235 -1.06 7.07 -25.34
CA LEU A 235 -2.49 7.13 -25.04
C LEU A 235 -3.29 6.35 -26.07
N SER A 236 -2.86 6.37 -27.33
CA SER A 236 -3.57 5.56 -28.34
C SER A 236 -3.41 4.10 -28.04
N PHE A 237 -2.22 3.69 -27.59
CA PHE A 237 -2.00 2.29 -27.22
C PHE A 237 -2.88 1.90 -26.03
N ILE A 238 -3.01 2.76 -25.03
CA ILE A 238 -3.95 2.46 -23.95
C ILE A 238 -5.37 2.36 -24.49
N HIS A 239 -5.76 3.30 -25.35
CA HIS A 239 -7.09 3.23 -25.97
C HIS A 239 -7.31 1.87 -26.63
N ALA A 240 -6.30 1.38 -27.36
CA ALA A 240 -6.45 0.09 -28.04
C ALA A 240 -6.64 -1.04 -27.03
N ASN A 241 -5.95 -0.97 -25.89
CA ASN A 241 -6.09 -2.00 -24.87
C ASN A 241 -7.43 -1.89 -24.16
N LEU A 242 -7.98 -0.69 -24.04
CA LEU A 242 -9.31 -0.51 -23.45
C LEU A 242 -10.44 -0.88 -24.39
N ASN A 243 -10.20 -0.83 -25.71
CA ASN A 243 -11.27 -0.99 -26.70
C ASN A 243 -10.80 -1.88 -27.85
N PRO A 244 -10.38 -3.12 -27.56
CA PRO A 244 -9.85 -3.96 -28.65
C PRO A 244 -10.90 -4.27 -29.70
N GLN A 245 -12.17 -4.34 -29.30
CA GLN A 245 -13.28 -4.57 -30.23
C GLN A 245 -13.39 -3.50 -31.31
N LYS A 246 -12.72 -2.37 -31.17
CA LYS A 246 -12.76 -1.34 -32.19
C LYS A 246 -11.72 -1.55 -33.28
N TYR A 247 -10.91 -2.59 -33.18
CA TYR A 247 -9.81 -2.77 -34.10
C TYR A 247 -10.03 -3.99 -35.00
N PRO A 248 -9.30 -4.08 -36.11
CA PRO A 248 -9.44 -5.25 -36.99
C PRO A 248 -9.12 -6.55 -36.26
N ALA A 249 -9.68 -7.64 -36.79
CA ALA A 249 -9.66 -8.92 -36.08
C ALA A 249 -8.27 -9.33 -35.63
N ASP A 250 -7.27 -9.18 -36.50
CA ASP A 250 -5.94 -9.71 -36.17
C ASP A 250 -5.31 -8.97 -34.99
N ILE A 251 -5.36 -7.64 -34.99
CA ILE A 251 -4.74 -6.89 -33.89
C ILE A 251 -5.67 -6.91 -32.67
N GLN A 252 -6.98 -7.01 -32.89
CA GLN A 252 -7.90 -7.25 -31.77
C GLN A 252 -7.54 -8.52 -31.03
N ARG A 253 -7.37 -9.62 -31.76
CA ARG A 253 -7.04 -10.88 -31.11
C ARG A 253 -5.66 -10.80 -30.44
N ALA A 254 -4.73 -10.08 -31.07
CA ALA A 254 -3.40 -9.90 -30.47
C ALA A 254 -3.49 -9.16 -29.15
N ILE A 255 -4.25 -8.06 -29.11
CA ILE A 255 -4.42 -7.32 -27.85
C ILE A 255 -5.03 -8.23 -26.78
N ASN A 256 -6.10 -8.95 -27.13
CA ASN A 256 -6.73 -9.81 -26.14
C ASN A 256 -5.77 -10.88 -25.63
N GLU A 257 -4.88 -11.38 -26.50
CA GLU A 257 -3.88 -12.37 -26.09
C GLU A 257 -3.00 -11.82 -24.98
N THR A 258 -2.64 -10.53 -25.06
CA THR A 258 -1.80 -9.93 -24.03
C THR A 258 -2.54 -9.70 -22.72
N HIS A 259 -3.87 -9.76 -22.72
CA HIS A 259 -4.63 -9.57 -21.50
CA HIS A 259 -4.65 -9.58 -21.50
C HIS A 259 -4.88 -10.87 -20.75
N GLN A 260 -4.52 -12.01 -21.32
CA GLN A 260 -4.83 -13.29 -20.71
C GLN A 260 -3.79 -13.63 -19.64
N GLY A 261 -4.23 -13.67 -18.38
CA GLY A 261 -3.35 -14.14 -17.34
C GLY A 261 -2.94 -15.59 -17.58
N ARG A 262 -1.66 -15.88 -17.32
CA ARG A 262 -1.08 -17.20 -17.58
C ARG A 262 -0.75 -17.97 -16.32
N TYR A 263 -0.36 -17.29 -15.26
CA TYR A 263 -0.11 -17.89 -13.96
C TYR A 263 -0.09 -16.75 -12.95
N GLN A 264 0.04 -17.10 -11.67
CA GLN A 264 0.14 -16.11 -10.61
C GLN A 264 1.42 -16.27 -9.84
N VAL A 265 1.89 -15.14 -9.30
CA VAL A 265 2.82 -15.13 -8.18
C VAL A 265 2.16 -14.26 -7.13
N ASN A 266 1.64 -14.89 -6.09
CA ASN A 266 0.87 -14.18 -5.05
C ASN A 266 -0.26 -13.41 -5.72
N THR A 267 -0.36 -12.09 -5.49
CA THR A 267 -1.47 -11.30 -6.02
C THR A 267 -1.27 -10.84 -7.46
N MET A 268 -0.14 -11.16 -8.07
CA MET A 268 0.15 -10.68 -9.42
C MET A 268 -0.14 -11.79 -10.42
N TYR A 269 -0.95 -11.48 -11.42
CA TYR A 269 -1.16 -12.35 -12.56
C TYR A 269 -0.19 -11.94 -13.67
N GLN A 270 0.62 -12.87 -14.15
CA GLN A 270 1.47 -12.59 -15.29
C GLN A 270 0.70 -12.81 -16.58
N ALA A 271 0.39 -11.73 -17.29
CA ALA A 271 -0.16 -11.87 -18.64
C ALA A 271 0.99 -11.81 -19.63
N LEU A 272 0.71 -11.58 -20.90
CA LEU A 272 1.77 -11.48 -21.90
C LEU A 272 2.22 -10.02 -21.92
N GLY A 273 3.43 -9.75 -21.42
CA GLY A 273 3.89 -8.39 -21.28
C GLY A 273 3.29 -7.71 -20.06
N TRP A 274 1.97 -7.55 -20.06
CA TRP A 274 1.31 -6.87 -18.96
C TRP A 274 1.38 -7.68 -17.69
N GLU A 275 1.43 -6.96 -16.56
CA GLU A 275 1.05 -7.53 -15.27
C GLU A 275 -0.41 -7.22 -15.02
N GLU A 276 -1.11 -8.19 -14.42
CA GLU A 276 -2.55 -8.18 -14.27
C GLU A 276 -2.92 -8.36 -12.81
N PHE A 277 -3.99 -7.68 -12.37
CA PHE A 277 -4.41 -7.74 -10.97
C PHE A 277 -5.92 -7.70 -10.89
N SER A 278 -6.45 -8.33 -9.85
CA SER A 278 -7.85 -8.19 -9.56
C SER A 278 -8.15 -6.73 -9.21
N TYR A 279 -9.25 -6.21 -9.76
CA TYR A 279 -9.60 -4.83 -9.49
C TYR A 279 -10.88 -4.77 -8.66
N PRO A 280 -10.93 -3.90 -7.63
CA PRO A 280 -9.92 -2.96 -7.16
C PRO A 280 -8.71 -3.66 -6.58
N ALA A 281 -7.55 -3.13 -6.87
CA ALA A 281 -6.30 -3.60 -6.31
C ALA A 281 -5.88 -2.69 -5.17
N THR A 282 -5.41 -3.27 -4.08
CA THR A 282 -4.80 -2.45 -3.05
C THR A 282 -3.52 -1.81 -3.58
N LEU A 283 -3.16 -0.66 -3.02
CA LEU A 283 -1.88 -0.07 -3.40
C LEU A 283 -0.73 -1.05 -3.16
N GLN A 284 -0.76 -1.77 -2.03
CA GLN A 284 0.36 -2.67 -1.74
C GLN A 284 0.46 -3.79 -2.74
N THR A 285 -0.68 -4.31 -3.23
CA THR A 285 -0.62 -5.28 -4.32
C THR A 285 0.19 -4.75 -5.50
N LEU A 286 -0.11 -3.53 -5.92
CA LEU A 286 0.60 -2.94 -7.05
C LEU A 286 2.07 -2.71 -6.72
N LEU A 287 2.37 -2.23 -5.51
CA LEU A 287 3.76 -2.04 -5.12
C LEU A 287 4.50 -3.36 -5.07
N ASP A 288 3.83 -4.44 -4.62
CA ASP A 288 4.52 -5.73 -4.48
C ASP A 288 4.99 -6.24 -5.83
N SER A 289 4.25 -5.94 -6.91
CA SER A 289 4.65 -6.39 -8.23
C SER A 289 6.02 -5.87 -8.61
N ASN A 290 6.45 -4.76 -8.01
CA ASN A 290 7.72 -4.15 -8.34
C ASN A 290 8.74 -4.30 -7.21
N SER A 291 8.45 -5.15 -6.22
CA SER A 291 9.36 -5.41 -5.11
C SER A 291 10.62 -6.14 -5.59
N GLU A 292 11.69 -6.01 -4.80
CA GLU A 292 12.91 -6.77 -5.10
C GLU A 292 12.63 -8.25 -5.24
N GLN A 293 11.76 -8.79 -4.36
CA GLN A 293 11.47 -10.22 -4.37
C GLN A 293 10.89 -10.67 -5.70
N ILE A 294 9.97 -9.88 -6.26
CA ILE A 294 9.31 -10.27 -7.50
C ILE A 294 10.18 -9.97 -8.73
N VAL A 295 10.86 -8.81 -8.73
CA VAL A 295 11.59 -8.37 -9.91
C VAL A 295 12.94 -9.04 -10.03
N MET A 296 13.62 -9.26 -8.91
CA MET A 296 15.02 -9.66 -8.98
C MET A 296 15.30 -11.12 -8.62
N LYS A 297 14.34 -11.82 -8.04
CA LYS A 297 14.59 -13.18 -7.58
C LYS A 297 13.68 -14.14 -8.31
N PRO A 298 14.04 -15.42 -8.37
CA PRO A 298 13.11 -16.43 -8.89
C PRO A 298 11.99 -16.68 -7.89
N ASN A 299 10.78 -16.90 -8.42
CA ASN A 299 9.63 -17.18 -7.59
C ASN A 299 8.84 -18.31 -8.23
N LYS A 300 8.41 -19.26 -7.40
CA LYS A 300 7.56 -20.33 -7.88
C LYS A 300 6.24 -19.77 -8.40
N VAL A 301 5.80 -20.24 -9.54
CA VAL A 301 4.51 -19.78 -10.06
C VAL A 301 3.44 -20.80 -9.69
N THR A 302 2.20 -20.31 -9.60
CA THR A 302 1.05 -21.16 -9.32
C THR A 302 0.00 -20.94 -10.40
N ALA A 303 -0.79 -21.97 -10.65
CA ALA A 303 -1.88 -21.80 -11.61
C ALA A 303 -2.87 -20.76 -11.11
N ILE A 304 -3.49 -20.08 -12.07
CA ILE A 304 -4.58 -19.18 -11.73
C ILE A 304 -5.69 -19.97 -11.08
N SER A 305 -6.16 -19.49 -9.92
CA SER A 305 -7.35 -20.02 -9.29
C SER A 305 -8.55 -19.11 -9.53
N LYS A 306 -8.49 -17.88 -9.03
CA LYS A 306 -9.53 -16.91 -9.32
C LYS A 306 -9.19 -16.26 -10.64
N GLU A 307 -10.00 -16.49 -11.63
CA GLU A 307 -9.85 -15.83 -12.91
C GLU A 307 -10.59 -14.50 -12.77
N PRO A 308 -9.90 -13.36 -12.59
CA PRO A 308 -10.63 -12.14 -12.23
C PRO A 308 -11.48 -11.65 -13.39
N SER A 309 -12.79 -11.52 -13.15
CA SER A 309 -13.66 -10.88 -14.11
C SER A 309 -13.31 -9.41 -14.26
N VAL A 310 -13.15 -8.73 -13.13
CA VAL A 310 -12.86 -7.31 -13.08
C VAL A 310 -11.38 -7.15 -12.75
N LYS A 311 -10.63 -6.56 -13.67
CA LYS A 311 -9.18 -6.59 -13.52
C LYS A 311 -8.58 -5.27 -13.97
N MET A 312 -7.29 -5.14 -13.70
CA MET A 312 -6.52 -3.99 -14.12
C MET A 312 -5.15 -4.49 -14.54
N TYR A 313 -4.42 -3.67 -15.29
CA TYR A 313 -3.13 -4.06 -15.83
C TYR A 313 -2.13 -2.92 -15.68
N HIS A 314 -0.86 -3.24 -15.44
CA HIS A 314 0.12 -2.17 -15.52
C HIS A 314 1.48 -2.68 -15.98
N LYS A 315 2.40 -1.73 -16.20
CA LYS A 315 3.78 -2.09 -16.52
C LYS A 315 4.64 -0.88 -16.25
N THR A 316 5.75 -1.10 -15.57
CA THR A 316 6.78 -0.07 -15.43
C THR A 316 7.85 -0.29 -16.48
N GLY A 317 8.59 0.76 -16.79
CA GLY A 317 9.78 0.56 -17.61
C GLY A 317 10.77 1.66 -17.37
N SER A 318 12.06 1.34 -17.50
CA SER A 318 13.11 2.33 -17.30
C SER A 318 14.26 2.07 -18.26
N THR A 319 14.94 3.13 -18.64
CA THR A 319 16.29 3.01 -19.19
C THR A 319 17.20 3.86 -18.31
N ASN A 320 18.47 3.98 -18.69
CA ASN A 320 19.38 4.75 -17.84
C ASN A 320 18.87 6.17 -17.60
N GLY A 321 18.24 6.77 -18.61
CA GLY A 321 17.84 8.15 -18.51
C GLY A 321 16.37 8.42 -18.59
N PHE A 322 15.53 7.38 -18.50
CA PHE A 322 14.09 7.56 -18.72
C PHE A 322 13.26 6.68 -17.80
N GLY A 323 12.04 7.15 -17.48
CA GLY A 323 11.11 6.34 -16.73
C GLY A 323 9.75 6.33 -17.41
N THR A 324 9.05 5.18 -17.30
CA THR A 324 7.74 4.98 -17.90
C THR A 324 6.84 4.23 -16.94
N TYR A 325 5.55 4.55 -16.97
CA TYR A 325 4.56 3.74 -16.26
C TYR A 325 3.27 3.82 -17.06
N VAL A 326 2.65 2.68 -17.33
N VAL A 326 2.61 2.69 -17.20
CA VAL A 326 1.36 2.64 -18.00
CA VAL A 326 1.39 2.57 -18.00
C VAL A 326 0.43 1.75 -17.18
C VAL A 326 0.41 1.68 -17.24
N VAL A 327 -0.84 2.15 -17.11
CA VAL A 327 -1.82 1.42 -16.29
C VAL A 327 -3.21 1.61 -16.90
N PHE A 328 -4.03 0.55 -16.93
CA PHE A 328 -5.40 0.77 -17.39
C PHE A 328 -6.35 -0.20 -16.69
N ILE A 329 -7.63 0.19 -16.68
CA ILE A 329 -8.67 -0.47 -15.89
C ILE A 329 -9.88 -0.60 -16.78
N PRO A 330 -10.06 -1.74 -17.45
CA PRO A 330 -11.08 -1.83 -18.51
C PRO A 330 -12.47 -1.44 -18.08
N LYS A 331 -12.92 -1.93 -16.93
CA LYS A 331 -14.32 -1.68 -16.62
C LYS A 331 -14.57 -0.29 -16.03
N GLU A 332 -13.51 0.47 -15.73
CA GLU A 332 -13.66 1.89 -15.42
C GLU A 332 -13.38 2.77 -16.64
N ASN A 333 -13.08 2.17 -17.78
CA ASN A 333 -12.81 2.85 -19.05
C ASN A 333 -11.75 3.92 -18.88
N ILE A 334 -10.69 3.60 -18.16
CA ILE A 334 -9.71 4.62 -17.80
C ILE A 334 -8.31 4.05 -17.83
N GLY A 335 -7.34 4.92 -18.14
CA GLY A 335 -5.95 4.51 -18.06
C GLY A 335 -5.06 5.72 -17.99
N LEU A 336 -3.78 5.50 -17.72
CA LEU A 336 -2.84 6.58 -17.50
C LEU A 336 -1.46 6.16 -18.00
N VAL A 337 -0.73 7.15 -18.54
CA VAL A 337 0.66 6.97 -18.98
C VAL A 337 1.49 8.08 -18.35
N MET A 338 2.65 7.72 -17.80
CA MET A 338 3.69 8.65 -17.34
C MET A 338 4.98 8.39 -18.11
N LEU A 339 5.58 9.45 -18.64
CA LEU A 339 6.90 9.37 -19.29
C LEU A 339 7.76 10.45 -18.67
N THR A 340 8.97 10.10 -18.26
CA THR A 340 9.93 11.08 -17.78
C THR A 340 11.27 10.89 -18.47
N ASN A 341 12.04 11.98 -18.58
CA ASN A 341 13.41 11.86 -19.05
C ASN A 341 14.42 11.92 -17.91
N LYS A 342 14.05 11.31 -16.79
CA LYS A 342 14.96 10.90 -15.72
C LYS A 342 14.24 9.82 -14.95
N ARG A 343 14.96 8.78 -14.56
CA ARG A 343 14.33 7.75 -13.73
C ARG A 343 13.89 8.32 -12.37
N ILE A 344 12.71 7.88 -11.93
CA ILE A 344 12.28 8.08 -10.55
C ILE A 344 11.84 6.71 -10.03
N PRO A 345 11.84 6.52 -8.72
CA PRO A 345 11.50 5.19 -8.19
C PRO A 345 10.16 4.68 -8.68
N ASN A 346 10.14 3.38 -9.02
CA ASN A 346 8.89 2.79 -9.51
C ASN A 346 7.76 3.02 -8.54
N GLU A 347 8.04 2.94 -7.23
CA GLU A 347 6.97 3.08 -6.25
C GLU A 347 6.30 4.45 -6.34
N GLU A 348 7.09 5.49 -6.65
CA GLU A 348 6.49 6.81 -6.78
C GLU A 348 5.57 6.88 -7.99
N ARG A 349 5.98 6.22 -9.09
CA ARG A 349 5.12 6.21 -10.27
C ARG A 349 3.78 5.54 -9.97
N ILE A 350 3.85 4.37 -9.34
CA ILE A 350 2.67 3.59 -9.03
C ILE A 350 1.78 4.35 -8.05
N LYS A 351 2.38 4.94 -7.02
CA LYS A 351 1.60 5.68 -6.02
C LYS A 351 0.90 6.87 -6.63
N ALA A 352 1.62 7.66 -7.43
CA ALA A 352 1.02 8.85 -8.02
C ALA A 352 -0.12 8.48 -8.95
N ALA A 353 0.07 7.46 -9.79
CA ALA A 353 -0.99 7.02 -10.68
C ALA A 353 -2.20 6.50 -9.89
N TYR A 354 -1.95 5.74 -8.82
CA TYR A 354 -3.02 5.23 -7.98
C TYR A 354 -3.86 6.38 -7.43
N ALA A 355 -3.18 7.40 -6.90
CA ALA A 355 -3.90 8.56 -6.35
C ALA A 355 -4.74 9.24 -7.42
N VAL A 356 -4.18 9.49 -8.61
CA VAL A 356 -4.92 10.17 -9.66
C VAL A 356 -6.13 9.35 -10.08
N LEU A 357 -5.91 8.07 -10.42
CA LEU A 357 -7.00 7.27 -10.98
C LEU A 357 -8.12 7.05 -9.97
N ASN A 358 -7.79 6.96 -8.69
CA ASN A 358 -8.84 6.71 -7.71
C ASN A 358 -9.64 7.97 -7.43
N ALA A 359 -9.08 9.14 -7.70
CA ALA A 359 -9.73 10.42 -7.40
C ALA A 359 -10.48 11.02 -8.59
N ILE A 360 -10.28 10.50 -9.80
CA ILE A 360 -11.01 11.04 -10.93
C ILE A 360 -12.48 10.65 -10.80
N LYS A 361 -13.36 11.60 -11.06
CA LYS A 361 -14.78 11.31 -10.89
C LYS A 361 -15.25 10.40 -12.02
N LYS A 362 -16.00 9.36 -11.65
CA LYS A 362 -16.53 8.41 -12.62
C LYS A 362 -17.57 9.03 -13.54
N THR B 4 6.47 -25.03 33.11
CA THR B 4 5.41 -24.74 34.08
C THR B 4 4.07 -25.19 33.51
N PRO B 5 3.12 -25.57 34.36
CA PRO B 5 1.81 -25.94 33.86
C PRO B 5 0.82 -24.81 33.61
N LYS B 6 1.10 -23.58 34.08
CA LYS B 6 0.31 -22.44 33.65
C LYS B 6 0.65 -22.09 32.21
N ASP B 7 1.91 -22.22 31.82
CA ASP B 7 2.27 -22.07 30.40
C ASP B 7 1.45 -23.03 29.54
N GLN B 8 1.36 -24.30 29.96
CA GLN B 8 0.55 -25.25 29.20
C GLN B 8 -0.93 -24.96 29.34
N GLU B 9 -1.37 -24.53 30.53
CA GLU B 9 -2.78 -24.19 30.73
C GLU B 9 -3.21 -23.07 29.80
N ILE B 10 -2.41 -22.01 29.73
CA ILE B 10 -2.79 -20.84 28.94
C ILE B 10 -2.66 -21.14 27.45
N LYS B 11 -1.62 -21.85 27.04
CA LYS B 11 -1.50 -22.19 25.64
C LYS B 11 -2.69 -23.02 25.19
N LYS B 12 -3.19 -23.90 26.06
CA LYS B 12 -4.35 -24.68 25.68
C LYS B 12 -5.58 -23.79 25.53
N LEU B 13 -5.78 -22.86 26.47
CA LEU B 13 -6.97 -22.02 26.44
C LEU B 13 -6.95 -21.10 25.23
N VAL B 14 -5.78 -20.60 24.86
CA VAL B 14 -5.72 -19.71 23.71
C VAL B 14 -5.91 -20.52 22.42
N ASP B 15 -5.27 -21.71 22.35
CA ASP B 15 -5.51 -22.62 21.23
C ASP B 15 -6.98 -22.95 21.08
N GLN B 16 -7.67 -23.15 22.20
CA GLN B 16 -9.08 -23.53 22.13
C GLN B 16 -9.96 -22.38 21.71
N ASN B 17 -9.61 -21.15 22.09
CA ASN B 17 -10.51 -20.04 21.87
C ASN B 17 -10.10 -19.10 20.75
N PHE B 18 -8.79 -18.89 20.54
CA PHE B 18 -8.35 -17.99 19.48
C PHE B 18 -7.92 -18.70 18.22
N LYS B 19 -7.21 -19.83 18.33
CA LYS B 19 -6.72 -20.49 17.13
C LYS B 19 -7.82 -20.85 16.13
N PRO B 20 -9.03 -21.28 16.53
CA PRO B 20 -10.07 -21.52 15.53
C PRO B 20 -10.42 -20.29 14.70
N LEU B 21 -10.20 -19.09 15.24
CA LEU B 21 -10.56 -17.90 14.47
C LEU B 21 -9.72 -17.78 13.21
N LEU B 22 -8.51 -18.35 13.20
CA LEU B 22 -7.66 -18.29 12.01
C LEU B 22 -8.33 -18.96 10.82
N GLU B 23 -8.83 -20.18 11.01
CA GLU B 23 -9.50 -20.87 9.92
C GLU B 23 -10.82 -20.20 9.57
N LYS B 24 -11.59 -19.84 10.60
CA LYS B 24 -12.92 -19.29 10.40
C LYS B 24 -12.87 -18.04 9.54
N TYR B 25 -11.90 -17.17 9.78
CA TYR B 25 -11.86 -15.92 9.06
C TYR B 25 -10.71 -15.84 8.07
N ASP B 26 -9.97 -16.93 7.86
CA ASP B 26 -8.88 -16.96 6.89
C ASP B 26 -7.83 -15.90 7.22
N VAL B 27 -7.48 -15.82 8.51
CA VAL B 27 -6.51 -14.87 9.03
C VAL B 27 -5.09 -15.38 8.77
N PRO B 28 -4.24 -14.63 8.06
CA PRO B 28 -2.88 -15.15 7.81
C PRO B 28 -2.05 -15.30 9.08
N GLY B 29 -2.12 -14.36 10.02
CA GLY B 29 -1.24 -14.42 11.18
C GLY B 29 -1.89 -13.81 12.41
N MET B 30 -1.47 -14.29 13.58
CA MET B 30 -2.09 -13.83 14.81
C MET B 30 -1.07 -13.94 15.93
N ALA B 31 -1.10 -12.99 16.86
CA ALA B 31 -0.34 -13.05 18.10
C ALA B 31 -1.28 -12.80 19.25
N VAL B 32 -1.27 -13.68 20.24
CA VAL B 32 -2.13 -13.57 21.41
C VAL B 32 -1.27 -13.71 22.64
N GLY B 33 -1.43 -12.80 23.57
CA GLY B 33 -0.64 -12.80 24.78
C GLY B 33 -1.52 -12.62 25.99
N VAL B 34 -1.13 -13.28 27.07
CA VAL B 34 -1.75 -13.12 28.37
C VAL B 34 -0.69 -12.67 29.36
N ILE B 35 -1.05 -11.74 30.23
CA ILE B 35 -0.21 -11.42 31.37
C ILE B 35 -0.98 -11.78 32.64
N GLN B 36 -0.31 -12.48 33.55
CA GLN B 36 -0.96 -12.81 34.81
C GLN B 36 0.08 -12.81 35.90
N ASN B 37 -0.14 -12.02 36.94
CA ASN B 37 0.75 -11.98 38.10
C ASN B 37 2.18 -11.70 37.66
N ASN B 38 2.34 -10.74 36.76
CA ASN B 38 3.61 -10.31 36.19
C ASN B 38 4.33 -11.38 35.35
N LYS B 39 3.65 -12.47 34.99
CA LYS B 39 4.20 -13.45 34.04
C LYS B 39 3.49 -13.28 32.70
N LYS B 40 4.27 -13.24 31.63
CA LYS B 40 3.75 -13.08 30.27
C LYS B 40 3.82 -14.40 29.53
N TYR B 41 2.76 -14.66 28.76
CA TYR B 41 2.60 -15.87 27.97
C TYR B 41 2.29 -15.44 26.55
N GLU B 42 3.11 -15.86 25.58
CA GLU B 42 2.97 -15.42 24.21
C GLU B 42 2.72 -16.59 23.29
N MET B 43 1.70 -16.47 22.43
CA MET B 43 1.34 -17.48 21.42
C MET B 43 1.33 -16.83 20.05
N TYR B 44 2.06 -17.42 19.11
CA TYR B 44 2.15 -16.90 17.75
C TYR B 44 1.64 -17.94 16.76
N TYR B 45 0.88 -17.48 15.77
CA TYR B 45 0.28 -18.33 14.75
C TYR B 45 0.51 -17.76 13.36
N GLY B 46 0.80 -18.63 12.39
CA GLY B 46 0.66 -18.19 11.02
C GLY B 46 1.76 -17.26 10.52
N LEU B 47 1.40 -16.45 9.51
CA LEU B 47 2.35 -15.68 8.74
C LEU B 47 2.13 -14.19 8.92
N GLN B 48 3.28 -13.49 9.09
CA GLN B 48 3.34 -12.03 9.13
C GLN B 48 3.30 -11.45 7.73
N SER B 49 3.86 -12.16 6.76
CA SER B 49 3.87 -11.71 5.37
C SER B 49 3.70 -12.94 4.50
N VAL B 50 2.71 -12.92 3.61
CA VAL B 50 2.53 -14.04 2.70
C VAL B 50 3.59 -14.02 1.61
N GLN B 51 3.81 -12.86 0.99
CA GLN B 51 4.82 -12.79 -0.07
C GLN B 51 6.19 -13.20 0.44
N ASP B 52 6.55 -12.76 1.63
CA ASP B 52 7.90 -12.99 2.14
C ASP B 52 8.00 -14.27 2.97
N LYS B 53 6.89 -14.99 3.08
CA LYS B 53 6.86 -16.30 3.73
C LYS B 53 7.44 -16.24 5.15
N LYS B 54 7.08 -15.18 5.90
CA LYS B 54 7.61 -14.96 7.24
C LYS B 54 6.57 -15.33 8.28
N ALA B 55 6.97 -16.18 9.24
CA ALA B 55 6.12 -16.55 10.35
C ALA B 55 5.98 -15.40 11.34
N VAL B 56 4.78 -15.26 11.91
CA VAL B 56 4.58 -14.35 13.04
C VAL B 56 5.49 -14.78 14.19
N ASN B 57 6.13 -13.81 14.84
CA ASN B 57 7.01 -14.10 15.96
C ASN B 57 7.02 -12.92 16.92
N SER B 58 7.84 -13.03 17.97
CA SER B 58 7.85 -11.96 18.98
C SER B 58 8.39 -10.63 18.44
N SER B 59 9.00 -10.59 17.26
CA SER B 59 9.41 -9.33 16.65
C SER B 59 8.38 -8.73 15.71
N THR B 60 7.32 -9.45 15.38
CA THR B 60 6.37 -8.97 14.38
C THR B 60 5.64 -7.73 14.88
N ILE B 61 5.68 -6.68 14.05
CA ILE B 61 5.02 -5.41 14.32
C ILE B 61 3.66 -5.41 13.63
N PHE B 62 2.60 -5.12 14.39
CA PHE B 62 1.23 -5.06 13.89
C PHE B 62 0.68 -3.63 13.97
N GLU B 63 -0.27 -3.28 13.09
CA GLU B 63 -0.99 -2.01 13.23
C GLU B 63 -2.04 -2.13 14.32
N LEU B 64 -2.05 -1.17 15.24
CA LEU B 64 -2.97 -1.19 16.36
C LEU B 64 -4.30 -0.53 16.08
N GLY B 65 -4.40 0.27 15.02
CA GLY B 65 -5.65 0.95 14.76
C GLY B 65 -6.00 1.82 15.93
N SER B 66 -7.29 1.79 16.32
CA SER B 66 -7.79 2.67 17.37
C SER B 66 -7.19 2.39 18.73
N VAL B 67 -6.51 1.25 18.92
CA VAL B 67 -5.79 1.07 20.18
C VAL B 67 -4.67 2.11 20.31
N SER B 68 -4.28 2.74 19.19
CA SER B 68 -3.38 3.90 19.23
C SER B 68 -3.89 5.00 20.17
N LYS B 69 -5.21 5.15 20.27
CA LYS B 69 -5.80 6.18 21.14
C LYS B 69 -5.42 5.99 22.58
N LEU B 70 -5.09 4.76 22.99
CA LEU B 70 -4.64 4.55 24.37
C LEU B 70 -3.29 5.19 24.61
N PHE B 71 -2.41 5.18 23.59
CA PHE B 71 -1.13 5.88 23.73
C PHE B 71 -1.30 7.38 23.67
N THR B 72 -2.24 7.87 22.86
CA THR B 72 -2.52 9.29 22.86
C THR B 72 -3.06 9.72 24.21
N ALA B 73 -3.95 8.91 24.79
CA ALA B 73 -4.47 9.19 26.12
C ALA B 73 -3.34 9.26 27.14
N THR B 74 -2.44 8.27 27.10
CA THR B 74 -1.31 8.24 28.02
C THR B 74 -0.42 9.47 27.83
N ALA B 75 -0.20 9.88 26.57
CA ALA B 75 0.57 11.09 26.34
C ALA B 75 -0.12 12.32 26.93
N GLY B 76 -1.44 12.41 26.78
CA GLY B 76 -2.15 13.53 27.39
C GLY B 76 -2.06 13.50 28.90
N GLY B 77 -2.20 12.32 29.49
CA GLY B 77 -2.06 12.19 30.93
C GLY B 77 -0.69 12.60 31.39
N TYR B 78 0.32 12.32 30.57
CA TYR B 78 1.68 12.71 30.89
C TYR B 78 1.84 14.21 30.86
N ALA B 79 1.37 14.84 29.79
CA ALA B 79 1.51 16.29 29.64
C ALA B 79 0.77 17.00 30.76
N LYS B 80 -0.43 16.52 31.09
CA LYS B 80 -1.24 17.17 32.10
C LYS B 80 -0.57 17.11 33.47
N ASN B 81 -0.03 15.95 33.83
CA ASN B 81 0.52 15.80 35.17
C ASN B 81 1.91 16.41 35.29
N LYS B 82 2.55 16.73 34.16
CA LYS B 82 3.74 17.55 34.16
C LYS B 82 3.40 19.04 34.12
N GLY B 83 2.12 19.40 34.05
CA GLY B 83 1.74 20.80 34.01
C GLY B 83 1.89 21.47 32.67
N LYS B 84 2.09 20.71 31.58
CA LYS B 84 2.17 21.31 30.25
C LYS B 84 0.80 21.68 29.70
N ILE B 85 -0.25 20.98 30.12
CA ILE B 85 -1.63 21.31 29.78
C ILE B 85 -2.47 21.13 31.02
N SER B 86 -3.64 21.76 30.98
CA SER B 86 -4.77 21.40 31.81
C SER B 86 -5.86 20.85 30.89
N PHE B 87 -6.58 19.82 31.37
CA PHE B 87 -7.71 19.33 30.58
C PHE B 87 -8.81 20.37 30.47
N ASP B 88 -8.77 21.43 31.28
CA ASP B 88 -9.70 22.53 31.14
C ASP B 88 -9.27 23.56 30.11
N ASP B 89 -8.05 23.46 29.59
CA ASP B 89 -7.64 24.32 28.50
C ASP B 89 -8.42 24.01 27.24
N THR B 90 -8.32 24.91 26.27
CA THR B 90 -8.94 24.82 24.96
C THR B 90 -7.85 24.82 23.89
N PRO B 91 -8.13 24.30 22.70
CA PRO B 91 -7.04 24.08 21.73
C PRO B 91 -6.33 25.37 21.33
N GLY B 92 -7.03 26.51 21.33
CA GLY B 92 -6.44 27.76 20.88
C GLY B 92 -5.39 28.32 21.81
N LYS B 93 -5.31 27.80 23.03
CA LYS B 93 -4.20 28.16 23.92
C LYS B 93 -2.86 27.69 23.35
N TYR B 94 -2.87 26.60 22.57
CA TYR B 94 -1.63 25.99 22.10
C TYR B 94 -1.46 26.08 20.60
N TRP B 95 -2.54 25.93 19.85
CA TRP B 95 -2.56 26.13 18.41
C TRP B 95 -3.14 27.53 18.20
N LYS B 96 -2.25 28.51 18.13
CA LYS B 96 -2.66 29.90 18.26
C LYS B 96 -3.65 30.32 17.17
N GLU B 97 -3.54 29.74 15.97
CA GLU B 97 -4.46 30.10 14.89
C GLU B 97 -5.90 29.72 15.20
N LEU B 98 -6.16 28.94 16.26
CA LEU B 98 -7.51 28.63 16.68
C LEU B 98 -8.00 29.51 17.82
N LYS B 99 -7.18 30.46 18.29
CA LYS B 99 -7.60 31.30 19.40
C LYS B 99 -8.87 32.08 19.03
N ASN B 100 -9.84 32.08 19.95
CA ASN B 100 -11.13 32.76 19.82
C ASN B 100 -11.98 32.26 18.65
N THR B 101 -11.67 31.10 18.06
CA THR B 101 -12.59 30.50 17.11
C THR B 101 -13.62 29.70 17.90
N PRO B 102 -14.73 29.29 17.28
CA PRO B 102 -15.72 28.52 18.05
C PRO B 102 -15.14 27.24 18.64
N ILE B 103 -14.23 26.56 17.93
CA ILE B 103 -13.66 25.33 18.46
C ILE B 103 -12.90 25.60 19.74
N ASP B 104 -12.43 26.85 19.94
CA ASP B 104 -11.77 27.24 21.18
C ASP B 104 -12.71 27.29 22.37
N GLN B 105 -13.99 26.98 22.20
CA GLN B 105 -14.91 26.83 23.31
C GLN B 105 -14.93 25.40 23.83
N VAL B 106 -14.29 24.47 23.14
CA VAL B 106 -14.28 23.05 23.52
C VAL B 106 -13.02 22.78 24.33
N ASN B 107 -13.13 22.08 25.45
CA ASN B 107 -11.89 21.88 26.18
C ASN B 107 -11.23 20.56 25.77
N LEU B 108 -9.99 20.38 26.25
CA LEU B 108 -9.21 19.22 25.82
C LEU B 108 -9.83 17.90 26.25
N LEU B 109 -10.44 17.85 27.44
CA LEU B 109 -11.05 16.59 27.86
C LEU B 109 -12.22 16.25 26.95
N GLN B 110 -12.96 17.26 26.52
CA GLN B 110 -14.07 17.02 25.59
C GLN B 110 -13.56 16.54 24.25
N LEU B 111 -12.45 17.09 23.78
CA LEU B 111 -11.87 16.57 22.54
C LEU B 111 -11.42 15.12 22.71
N ALA B 112 -10.75 14.82 23.82
CA ALA B 112 -10.21 13.48 24.02
C ALA B 112 -11.31 12.44 24.21
N THR B 113 -12.49 12.83 24.71
CA THR B 113 -13.56 11.89 24.97
C THR B 113 -14.77 12.12 24.04
N TYR B 114 -14.55 12.80 22.92
CA TYR B 114 -15.44 12.79 21.76
C TYR B 114 -16.75 13.53 21.99
N THR B 115 -16.77 14.57 22.82
CA THR B 115 -18.04 15.23 23.14
C THR B 115 -18.11 16.67 22.62
N SER B 116 -17.34 17.02 21.58
CA SER B 116 -17.42 18.38 21.06
C SER B 116 -18.81 18.74 20.53
N GLY B 117 -19.60 17.74 20.14
CA GLY B 117 -20.92 17.99 19.58
C GLY B 117 -20.95 18.20 18.07
N ASN B 118 -19.79 18.22 17.41
CA ASN B 118 -19.81 18.35 15.96
C ASN B 118 -18.51 17.86 15.33
N LEU B 119 -18.05 16.67 15.69
CA LEU B 119 -16.94 16.02 15.00
C LEU B 119 -17.35 14.59 14.69
N ALA B 120 -17.27 14.22 13.41
CA ALA B 120 -17.70 12.92 12.95
C ALA B 120 -16.57 11.91 13.09
N LEU B 121 -16.85 10.67 12.69
CA LEU B 121 -15.87 9.59 12.86
C LEU B 121 -14.57 9.91 12.12
N GLN B 122 -14.69 10.46 10.91
CA GLN B 122 -13.52 10.83 10.12
C GLN B 122 -13.60 12.30 9.74
N PHE B 123 -12.46 12.83 9.32
CA PHE B 123 -12.46 14.11 8.65
C PHE B 123 -13.33 13.99 7.40
N PRO B 124 -13.81 15.11 6.86
CA PRO B 124 -14.38 15.05 5.51
C PRO B 124 -13.31 14.59 4.53
N ASP B 125 -13.74 13.89 3.49
CA ASP B 125 -12.78 13.29 2.56
C ASP B 125 -11.92 14.36 1.87
N GLU B 126 -12.48 15.55 1.64
CA GLU B 126 -11.71 16.63 1.05
C GLU B 126 -10.53 17.04 1.94
N VAL B 127 -10.80 17.23 3.24
CA VAL B 127 -9.77 17.69 4.17
C VAL B 127 -8.64 16.67 4.24
N LYS B 128 -7.41 17.09 3.93
CA LYS B 128 -6.27 16.19 3.87
C LYS B 128 -4.93 16.89 4.12
N THR B 129 -4.73 18.08 3.57
CA THR B 129 -3.49 18.79 3.83
C THR B 129 -3.55 19.50 5.18
N ASP B 130 -2.36 19.74 5.74
CA ASP B 130 -2.27 20.39 7.06
C ASP B 130 -3.02 21.72 7.08
N GLN B 131 -3.05 22.45 5.96
CA GLN B 131 -3.77 23.71 5.92
C GLN B 131 -5.28 23.48 5.85
N GLN B 132 -5.71 22.42 5.17
CA GLN B 132 -7.13 22.10 5.13
C GLN B 132 -7.63 21.71 6.52
N VAL B 133 -6.82 20.95 7.26
CA VAL B 133 -7.18 20.59 8.62
C VAL B 133 -7.32 21.83 9.49
N LEU B 134 -6.33 22.72 9.42
CA LEU B 134 -6.40 23.97 10.18
C LEU B 134 -7.65 24.75 9.81
N THR B 135 -7.92 24.90 8.51
CA THR B 135 -9.11 25.62 8.07
C THR B 135 -10.38 24.93 8.54
N PHE B 136 -10.42 23.61 8.47
CA PHE B 136 -11.58 22.86 8.96
C PHE B 136 -11.87 23.23 10.42
N PHE B 137 -10.84 23.27 11.26
CA PHE B 137 -11.07 23.61 12.66
C PHE B 137 -11.37 25.11 12.85
N LYS B 138 -10.78 25.99 12.04
CA LYS B 138 -11.15 27.40 12.10
C LYS B 138 -12.61 27.62 11.72
N ASP B 139 -13.08 26.90 10.71
CA ASP B 139 -14.45 27.06 10.20
C ASP B 139 -15.48 26.33 11.05
N TRP B 140 -15.03 25.47 11.95
CA TRP B 140 -15.91 24.66 12.79
C TRP B 140 -16.86 25.53 13.61
N LYS B 141 -18.10 25.08 13.72
CA LYS B 141 -19.11 25.72 14.52
C LYS B 141 -19.83 24.66 15.32
N PRO B 142 -20.33 25.00 16.51
CA PRO B 142 -21.02 24.01 17.32
C PRO B 142 -22.30 23.53 16.67
N LYS B 143 -22.65 22.29 16.97
CA LYS B 143 -23.92 21.72 16.57
C LYS B 143 -24.63 21.25 17.82
N ASN B 144 -24.36 20.01 18.25
CA ASN B 144 -24.95 19.55 19.50
C ASN B 144 -24.27 20.27 20.67
N SER B 145 -25.01 20.40 21.76
N SER B 145 -25.01 20.40 21.76
CA SER B 145 -24.52 21.09 22.94
CA SER B 145 -24.51 21.15 22.91
C SER B 145 -23.17 20.53 23.35
C SER B 145 -23.19 20.56 23.39
N ILE B 146 -22.19 21.43 23.50
CA ILE B 146 -20.81 20.98 23.78
C ILE B 146 -20.75 20.19 25.08
N GLY B 147 -20.09 19.04 25.03
CA GLY B 147 -19.97 18.19 26.19
C GLY B 147 -21.10 17.21 26.41
N GLU B 148 -22.22 17.34 25.71
CA GLU B 148 -23.37 16.52 26.09
C GLU B 148 -23.50 15.24 25.29
N TYR B 149 -22.92 15.16 24.09
CA TYR B 149 -23.11 14.00 23.23
C TYR B 149 -21.76 13.41 22.85
N ARG B 150 -21.65 12.09 23.03
CA ARG B 150 -20.46 11.33 22.63
C ARG B 150 -20.66 10.88 21.19
N GLN B 151 -19.76 11.29 20.31
N GLN B 151 -19.75 11.26 20.31
CA GLN B 151 -19.71 10.80 18.94
CA GLN B 151 -19.74 10.77 18.93
C GLN B 151 -18.27 10.38 18.67
C GLN B 151 -18.29 10.37 18.66
N TYR B 152 -18.03 9.06 18.61
CA TYR B 152 -16.68 8.55 18.42
C TYR B 152 -16.02 9.16 17.18
N SER B 153 -14.82 9.72 17.36
CA SER B 153 -14.31 10.63 16.35
C SER B 153 -12.80 10.64 16.30
N ASN B 154 -12.25 10.29 15.14
CA ASN B 154 -10.81 10.39 14.96
C ASN B 154 -10.33 11.84 14.93
N PRO B 155 -11.01 12.76 14.24
CA PRO B 155 -10.50 14.15 14.27
C PRO B 155 -10.54 14.75 15.66
N SER B 156 -11.47 14.32 16.51
CA SER B 156 -11.55 14.87 17.86
C SER B 156 -10.31 14.53 18.67
N ILE B 157 -9.99 13.24 18.78
CA ILE B 157 -8.78 12.89 19.53
C ILE B 157 -7.51 13.23 18.75
N GLY B 158 -7.59 13.38 17.43
CA GLY B 158 -6.44 13.90 16.69
C GLY B 158 -6.08 15.32 17.09
N LEU B 159 -7.09 16.19 17.23
CA LEU B 159 -6.82 17.54 17.67
C LEU B 159 -6.27 17.54 19.09
N PHE B 160 -6.82 16.69 19.97
CA PHE B 160 -6.27 16.52 21.31
C PHE B 160 -4.80 16.16 21.25
N GLY B 161 -4.43 15.18 20.41
CA GLY B 161 -3.04 14.76 20.32
C GLY B 161 -2.14 15.85 19.78
N LYS B 162 -2.63 16.62 18.81
CA LYS B 162 -1.84 17.71 18.24
C LYS B 162 -1.60 18.79 19.29
N VAL B 163 -2.61 19.09 20.10
CA VAL B 163 -2.44 20.05 21.20
C VAL B 163 -1.44 19.52 22.23
N VAL B 164 -1.55 18.22 22.57
CA VAL B 164 -0.63 17.64 23.55
C VAL B 164 0.80 17.78 23.05
N ALA B 165 1.01 17.46 21.77
CA ALA B 165 2.34 17.60 21.18
C ALA B 165 2.83 19.04 21.26
N LEU B 166 1.97 19.98 20.85
CA LEU B 166 2.33 21.40 20.92
C LEU B 166 2.74 21.79 22.33
N SER B 167 2.04 21.26 23.34
CA SER B 167 2.34 21.61 24.72
C SER B 167 3.68 21.08 25.19
N MET B 168 4.18 20.02 24.58
CA MET B 168 5.52 19.56 24.89
C MET B 168 6.56 19.95 23.84
N ASN B 169 6.20 20.84 22.91
CA ASN B 169 7.16 21.46 21.98
C ASN B 169 7.89 20.41 21.13
N LYS B 170 7.16 19.39 20.72
CA LYS B 170 7.69 18.29 19.93
C LYS B 170 6.56 17.82 19.03
N PRO B 171 6.86 17.33 17.84
CA PRO B 171 5.81 16.67 17.04
CA PRO B 171 5.81 16.67 17.04
C PRO B 171 5.31 15.42 17.73
N PHE B 172 4.04 15.08 17.45
CA PHE B 172 3.40 13.95 18.14
C PHE B 172 4.23 12.66 18.04
N ASP B 173 4.75 12.36 16.84
CA ASP B 173 5.52 11.13 16.70
C ASP B 173 6.69 11.11 17.67
N GLN B 174 7.32 12.26 17.93
CA GLN B 174 8.43 12.30 18.87
C GLN B 174 7.96 12.25 20.31
N VAL B 175 6.78 12.80 20.60
CA VAL B 175 6.23 12.63 21.93
C VAL B 175 6.15 11.14 22.27
N LEU B 176 5.61 10.34 21.35
CA LEU B 176 5.48 8.92 21.65
C LEU B 176 6.84 8.23 21.60
N GLU B 177 7.61 8.46 20.54
CA GLU B 177 8.79 7.63 20.33
C GLU B 177 9.96 8.01 21.23
N LYS B 178 10.05 9.28 21.66
CA LYS B 178 11.16 9.68 22.52
C LYS B 178 10.79 9.76 24.00
N THR B 179 9.52 10.02 24.33
CA THR B 179 9.11 10.18 25.73
C THR B 179 8.21 9.05 26.22
N ILE B 180 7.05 8.81 25.60
CA ILE B 180 6.07 7.91 26.21
C ILE B 180 6.49 6.45 26.07
N PHE B 181 6.81 5.99 24.85
CA PHE B 181 7.19 4.59 24.71
C PHE B 181 8.38 4.25 25.59
N PRO B 182 9.44 5.07 25.66
CA PRO B 182 10.56 4.70 26.55
C PRO B 182 10.17 4.66 28.01
N ALA B 183 9.30 5.58 28.46
CA ALA B 183 8.85 5.55 29.84
C ALA B 183 8.06 4.29 30.15
N LEU B 184 7.36 3.75 29.16
CA LEU B 184 6.65 2.50 29.35
C LEU B 184 7.53 1.27 29.18
N GLY B 185 8.80 1.46 28.83
CA GLY B 185 9.70 0.33 28.58
C GLY B 185 9.43 -0.41 27.29
N LEU B 186 8.87 0.26 26.28
CA LEU B 186 8.57 -0.41 25.02
C LEU B 186 9.78 -0.34 24.10
N LYS B 187 10.07 -1.44 23.42
CA LYS B 187 11.29 -1.53 22.61
C LYS B 187 11.04 -1.39 21.12
N HIS B 188 9.85 -1.74 20.64
CA HIS B 188 9.58 -1.86 19.21
C HIS B 188 8.16 -1.40 18.93
N SER B 189 7.81 -0.25 19.49
CA SER B 189 6.56 0.44 19.21
C SER B 189 6.87 1.73 18.45
N TYR B 190 6.04 2.02 17.44
CA TYR B 190 6.39 3.09 16.50
C TYR B 190 5.16 3.85 16.02
N VAL B 191 5.35 5.14 15.77
CA VAL B 191 4.47 5.84 14.85
C VAL B 191 4.94 5.67 13.41
N ASN B 192 6.25 5.77 13.20
CA ASN B 192 6.86 5.56 11.90
C ASN B 192 7.82 4.40 12.04
N VAL B 193 7.51 3.28 11.38
CA VAL B 193 8.39 2.12 11.46
C VAL B 193 9.68 2.45 10.73
N PRO B 194 10.85 2.34 11.38
CA PRO B 194 12.10 2.67 10.70
C PRO B 194 12.49 1.62 9.68
N LYS B 195 13.39 2.01 8.76
CA LYS B 195 13.80 1.10 7.71
C LYS B 195 14.35 -0.20 8.30
N THR B 196 15.10 -0.13 9.41
CA THR B 196 15.67 -1.34 10.00
C THR B 196 14.62 -2.28 10.59
N GLN B 197 13.37 -1.85 10.75
CA GLN B 197 12.31 -2.72 11.25
C GLN B 197 11.29 -3.09 10.20
N MET B 198 11.44 -2.62 8.97
CA MET B 198 10.48 -2.95 7.93
C MET B 198 10.38 -4.46 7.73
N GLN B 199 11.50 -5.17 7.93
CA GLN B 199 11.51 -6.62 7.80
C GLN B 199 10.64 -7.30 8.84
N ASN B 200 10.29 -6.61 9.92
CA ASN B 200 9.46 -7.13 10.99
C ASN B 200 8.03 -6.63 10.94
N TYR B 201 7.70 -5.74 10.00
CA TYR B 201 6.40 -5.09 9.96
C TYR B 201 5.46 -5.97 9.14
N ALA B 202 4.49 -6.57 9.81
CA ALA B 202 3.50 -7.39 9.12
C ALA B 202 2.80 -6.57 8.03
N PHE B 203 2.41 -7.28 7.00
CA PHE B 203 1.39 -6.74 6.10
C PHE B 203 0.03 -7.09 6.67
N GLY B 204 -0.94 -6.19 6.48
CA GLY B 204 -2.31 -6.55 6.69
C GLY B 204 -2.92 -7.17 5.44
N TYR B 205 -4.06 -7.82 5.59
CA TYR B 205 -4.72 -8.48 4.46
C TYR B 205 -6.20 -8.17 4.47
N ASN B 206 -6.77 -7.88 3.31
CA ASN B 206 -8.20 -7.56 3.25
C ASN B 206 -9.00 -8.83 3.00
N GLN B 207 -10.34 -8.71 2.80
CA GLN B 207 -11.18 -9.90 2.67
C GLN B 207 -10.83 -10.73 1.43
N GLU B 208 -10.22 -10.12 0.42
CA GLU B 208 -9.75 -10.84 -0.76
C GLU B 208 -8.31 -11.32 -0.62
N ASN B 209 -7.73 -11.23 0.57
CA ASN B 209 -6.33 -11.61 0.85
C ASN B 209 -5.33 -10.79 0.06
N GLN B 210 -5.70 -9.56 -0.29
CA GLN B 210 -4.67 -8.66 -0.82
C GLN B 210 -3.95 -7.95 0.31
N PRO B 211 -2.64 -7.77 0.22
CA PRO B 211 -1.92 -7.07 1.27
C PRO B 211 -2.32 -5.61 1.31
N ILE B 212 -2.30 -5.06 2.51
CA ILE B 212 -2.73 -3.68 2.66
C ILE B 212 -2.07 -3.11 3.90
N ARG B 213 -1.68 -1.84 3.81
CA ARG B 213 -0.90 -1.18 4.85
C ARG B 213 -1.54 0.18 5.14
N VAL B 214 -1.57 0.57 6.41
CA VAL B 214 -2.20 1.84 6.75
C VAL B 214 -1.41 2.98 6.10
N ASN B 215 -2.14 3.92 5.53
CA ASN B 215 -1.52 5.03 4.81
C ASN B 215 -1.28 6.19 5.77
N ARG B 216 -0.23 6.97 5.48
CA ARG B 216 -0.06 8.23 6.18
C ARG B 216 -1.19 9.17 5.75
N GLY B 217 -2.01 9.57 6.72
CA GLY B 217 -3.11 10.46 6.43
C GLY B 217 -2.86 11.83 7.01
N PRO B 218 -3.93 12.53 7.36
CA PRO B 218 -3.78 13.87 7.94
C PRO B 218 -3.30 13.82 9.39
N LEU B 219 -3.46 14.94 10.10
CA LEU B 219 -2.92 15.08 11.45
C LEU B 219 -3.60 14.17 12.47
N ASP B 220 -4.87 13.82 12.24
CA ASP B 220 -5.50 12.89 13.17
C ASP B 220 -5.02 11.46 13.01
N ALA B 221 -4.37 11.13 11.89
CA ALA B 221 -4.03 9.73 11.65
C ALA B 221 -3.18 9.16 12.79
N ALA B 222 -2.12 9.86 13.18
CA ALA B 222 -1.20 9.22 14.13
C ALA B 222 -1.83 9.06 15.49
N PRO B 223 -2.39 10.11 16.14
CA PRO B 223 -2.97 9.90 17.47
C PRO B 223 -4.21 9.03 17.44
N ALA B 224 -4.93 8.96 16.32
CA ALA B 224 -6.16 8.19 16.33
C ALA B 224 -5.95 6.75 15.91
N TYR B 225 -5.02 6.49 14.99
CA TYR B 225 -4.93 5.10 14.52
C TYR B 225 -3.56 4.74 13.94
N GLY B 226 -2.49 5.43 14.26
CA GLY B 226 -1.26 5.22 13.53
C GLY B 226 -0.11 4.59 14.28
N VAL B 227 -0.36 3.94 15.41
CA VAL B 227 0.71 3.30 16.19
C VAL B 227 0.81 1.85 15.78
N LYS B 228 2.04 1.34 15.73
CA LYS B 228 2.35 -0.05 15.43
C LYS B 228 3.15 -0.63 16.58
N SER B 229 2.91 -1.89 16.93
CA SER B 229 3.62 -2.46 18.05
C SER B 229 3.71 -3.98 17.92
N THR B 230 4.53 -4.58 18.79
CA THR B 230 4.70 -6.02 18.89
C THR B 230 3.91 -6.57 20.07
N LEU B 231 3.71 -7.89 20.06
CA LEU B 231 3.04 -8.51 21.20
C LEU B 231 3.80 -8.29 22.49
N PRO B 232 5.12 -8.51 22.57
CA PRO B 232 5.81 -8.28 23.86
C PRO B 232 5.64 -6.86 24.36
N ASP B 233 5.69 -5.87 23.45
CA ASP B 233 5.51 -4.48 23.88
C ASP B 233 4.10 -4.26 24.39
N MET B 234 3.11 -4.85 23.73
CA MET B 234 1.75 -4.60 24.11
C MET B 234 1.48 -5.25 25.46
N LEU B 235 2.12 -6.40 25.73
CA LEU B 235 2.00 -7.02 27.04
C LEU B 235 2.65 -6.17 28.13
N SER B 236 3.79 -5.53 27.82
CA SER B 236 4.40 -4.58 28.75
C SER B 236 3.46 -3.41 29.02
N PHE B 237 2.79 -2.93 27.98
CA PHE B 237 1.84 -1.84 28.16
C PHE B 237 0.68 -2.27 29.04
N ILE B 238 0.18 -3.49 28.87
CA ILE B 238 -0.85 -3.98 29.78
C ILE B 238 -0.30 -4.12 31.19
N HIS B 239 0.93 -4.63 31.32
CA HIS B 239 1.54 -4.68 32.65
C HIS B 239 1.60 -3.30 33.30
N ALA B 240 1.96 -2.28 32.51
CA ALA B 240 2.05 -0.95 33.09
C ALA B 240 0.66 -0.48 33.54
N ASN B 241 -0.38 -0.86 32.81
CA ASN B 241 -1.73 -0.48 33.21
C ASN B 241 -2.22 -1.26 34.43
N LEU B 242 -1.77 -2.51 34.58
CA LEU B 242 -2.08 -3.32 35.75
C LEU B 242 -1.31 -2.87 36.98
N ASN B 243 -0.08 -2.37 36.82
CA ASN B 243 0.81 -2.06 37.94
C ASN B 243 1.47 -0.71 37.80
N PRO B 244 0.69 0.37 37.64
CA PRO B 244 1.32 1.68 37.43
C PRO B 244 2.18 2.11 38.60
N GLN B 245 1.88 1.60 39.80
CA GLN B 245 2.64 2.02 40.98
C GLN B 245 4.10 1.56 40.91
N LYS B 246 4.41 0.58 40.04
CA LYS B 246 5.79 0.12 39.89
C LYS B 246 6.62 1.01 38.96
N TYR B 247 6.04 2.03 38.37
CA TYR B 247 6.71 2.84 37.39
C TYR B 247 7.04 4.21 37.97
N PRO B 248 8.06 4.87 37.42
CA PRO B 248 8.38 6.24 37.86
C PRO B 248 7.17 7.15 37.77
N ALA B 249 7.13 8.13 38.68
CA ALA B 249 5.96 8.97 38.89
C ALA B 249 5.41 9.58 37.61
N ASP B 250 6.27 10.07 36.71
CA ASP B 250 5.74 10.84 35.59
C ASP B 250 4.81 9.96 34.74
N ILE B 251 5.26 8.75 34.41
CA ILE B 251 4.44 7.87 33.57
C ILE B 251 3.39 7.16 34.42
N GLN B 252 3.68 6.92 35.70
CA GLN B 252 2.67 6.35 36.59
C GLN B 252 1.45 7.26 36.67
N ARG B 253 1.68 8.56 36.85
CA ARG B 253 0.56 9.51 36.85
C ARG B 253 -0.17 9.50 35.52
N ALA B 254 0.57 9.42 34.42
CA ALA B 254 -0.04 9.40 33.09
C ALA B 254 -0.98 8.20 32.95
N ILE B 255 -0.51 7.02 33.31
CA ILE B 255 -1.33 5.81 33.22
C ILE B 255 -2.58 5.93 34.09
N ASN B 256 -2.39 6.41 35.32
CA ASN B 256 -3.54 6.56 36.20
C ASN B 256 -4.56 7.53 35.63
N GLU B 257 -4.10 8.57 34.92
CA GLU B 257 -5.02 9.52 34.30
C GLU B 257 -5.93 8.83 33.29
N THR B 258 -5.45 7.77 32.67
CA THR B 258 -6.27 7.13 31.65
C THR B 258 -7.28 6.16 32.23
N HIS B 259 -7.26 5.92 33.54
CA HIS B 259 -8.16 4.97 34.16
CA HIS B 259 -8.16 4.97 34.15
C HIS B 259 -9.39 5.62 34.79
N GLN B 260 -9.43 6.94 34.87
CA GLN B 260 -10.54 7.63 35.52
C GLN B 260 -11.73 7.72 34.56
N GLY B 261 -12.86 7.11 34.93
CA GLY B 261 -14.06 7.29 34.13
C GLY B 261 -14.47 8.75 34.11
N ARG B 262 -14.89 9.23 32.94
CA ARG B 262 -15.19 10.63 32.76
C ARG B 262 -16.67 10.92 32.56
N TYR B 263 -17.39 9.98 31.99
CA TYR B 263 -18.85 10.02 31.96
C TYR B 263 -19.30 8.60 31.66
N GLN B 264 -20.60 8.42 31.56
CA GLN B 264 -21.18 7.10 31.34
C GLN B 264 -22.06 7.16 30.11
N VAL B 265 -22.08 6.08 29.34
CA VAL B 265 -23.10 5.87 28.30
C VAL B 265 -23.60 4.45 28.46
N ASN B 266 -24.83 4.30 28.92
CA ASN B 266 -25.42 3.00 29.24
C ASN B 266 -24.49 2.30 30.23
N THR B 267 -24.02 1.09 29.95
CA THR B 267 -23.19 0.33 30.88
C THR B 267 -21.71 0.62 30.71
N MET B 268 -21.33 1.51 29.82
CA MET B 268 -19.92 1.79 29.57
C MET B 268 -19.54 3.13 30.18
N TYR B 269 -18.38 3.16 30.83
CA TYR B 269 -17.78 4.40 31.30
C TYR B 269 -16.67 4.78 30.33
N GLN B 270 -16.70 6.02 29.85
CA GLN B 270 -15.65 6.51 28.96
C GLN B 270 -14.51 7.03 29.80
N ALA B 271 -13.38 6.32 29.78
CA ALA B 271 -12.16 6.86 30.37
C ALA B 271 -11.35 7.57 29.28
N LEU B 272 -10.11 7.94 29.57
CA LEU B 272 -9.29 8.60 28.57
C LEU B 272 -8.72 7.47 27.69
N GLY B 273 -9.25 7.34 26.48
CA GLY B 273 -8.90 6.23 25.59
C GLY B 273 -9.59 4.94 25.93
N TRP B 274 -9.35 4.44 27.15
CA TRP B 274 -9.92 3.17 27.58
C TRP B 274 -11.43 3.28 27.74
N GLU B 275 -12.11 2.17 27.43
CA GLU B 275 -13.47 1.96 27.88
C GLU B 275 -13.42 1.19 29.20
N GLU B 276 -14.26 1.60 30.15
CA GLU B 276 -14.23 1.10 31.51
C GLU B 276 -15.56 0.48 31.88
N PHE B 277 -15.53 -0.60 32.65
CA PHE B 277 -16.74 -1.30 33.04
C PHE B 277 -16.67 -1.69 34.50
N SER B 278 -17.82 -1.74 35.15
CA SER B 278 -17.87 -2.37 36.46
C SER B 278 -17.50 -3.85 36.33
N TYR B 279 -16.66 -4.34 37.27
CA TYR B 279 -16.24 -5.73 37.23
C TYR B 279 -16.82 -6.52 38.40
N PRO B 280 -17.38 -7.72 38.18
CA PRO B 280 -17.41 -8.46 36.91
C PRO B 280 -18.38 -7.86 35.91
N ALA B 281 -18.03 -7.95 34.63
CA ALA B 281 -18.87 -7.48 33.54
C ALA B 281 -19.37 -8.68 32.77
N THR B 282 -20.63 -8.65 32.38
CA THR B 282 -21.15 -9.70 31.54
C THR B 282 -20.56 -9.59 30.14
N LEU B 283 -20.50 -10.72 29.44
CA LEU B 283 -20.11 -10.69 28.02
C LEU B 283 -20.97 -9.70 27.23
N GLN B 284 -22.28 -9.67 27.50
CA GLN B 284 -23.14 -8.77 26.73
C GLN B 284 -22.79 -7.31 26.95
N THR B 285 -22.43 -6.94 28.19
CA THR B 285 -22.04 -5.56 28.44
C THR B 285 -20.82 -5.18 27.62
N LEU B 286 -19.84 -6.09 27.54
CA LEU B 286 -18.63 -5.83 26.77
C LEU B 286 -18.93 -5.82 25.28
N LEU B 287 -19.82 -6.70 24.82
CA LEU B 287 -20.25 -6.67 23.42
C LEU B 287 -20.96 -5.36 23.08
N ASP B 288 -21.86 -4.93 23.96
CA ASP B 288 -22.66 -3.72 23.73
C ASP B 288 -21.78 -2.48 23.55
N SER B 289 -20.63 -2.45 24.23
CA SER B 289 -19.78 -1.25 24.21
C SER B 289 -19.36 -0.88 22.80
N ASN B 290 -19.32 -1.85 21.89
CA ASN B 290 -18.93 -1.58 20.51
C ASN B 290 -20.08 -1.87 19.54
N SER B 291 -21.30 -1.68 20.02
CA SER B 291 -22.46 -1.73 19.14
C SER B 291 -22.39 -0.62 18.10
N GLU B 292 -23.16 -0.79 17.02
CA GLU B 292 -23.22 0.28 16.02
C GLU B 292 -23.74 1.56 16.64
N GLN B 293 -24.68 1.45 17.58
CA GLN B 293 -25.24 2.65 18.21
C GLN B 293 -24.15 3.45 18.95
N ILE B 294 -23.30 2.76 19.71
CA ILE B 294 -22.26 3.45 20.49
C ILE B 294 -21.15 3.96 19.58
N VAL B 295 -20.76 3.15 18.58
CA VAL B 295 -19.57 3.46 17.80
C VAL B 295 -19.85 4.48 16.72
N MET B 296 -21.05 4.47 16.14
CA MET B 296 -21.33 5.19 14.92
C MET B 296 -22.28 6.36 15.09
N LYS B 297 -22.97 6.46 16.21
CA LYS B 297 -24.04 7.43 16.39
C LYS B 297 -23.78 8.31 17.60
N PRO B 298 -24.34 9.51 17.65
CA PRO B 298 -24.20 10.33 18.86
C PRO B 298 -25.09 9.81 19.98
N ASN B 299 -24.55 9.82 21.21
CA ASN B 299 -25.27 9.30 22.37
C ASN B 299 -25.12 10.30 23.50
N LYS B 300 -26.22 10.61 24.17
CA LYS B 300 -26.17 11.54 25.28
C LYS B 300 -25.39 10.92 26.42
N VAL B 301 -24.48 11.68 27.02
CA VAL B 301 -23.68 11.12 28.11
C VAL B 301 -24.36 11.45 29.42
N THR B 302 -24.11 10.62 30.43
CA THR B 302 -24.61 10.89 31.76
C THR B 302 -23.46 11.02 32.75
N ALA B 303 -23.61 11.95 33.69
CA ALA B 303 -22.58 12.18 34.70
C ALA B 303 -22.38 10.93 35.55
N ILE B 304 -21.16 10.77 36.03
CA ILE B 304 -20.85 9.68 36.95
C ILE B 304 -21.15 10.15 38.36
N SER B 305 -21.98 9.38 39.08
CA SER B 305 -22.20 9.64 40.50
C SER B 305 -20.98 9.21 41.30
N LYS B 306 -20.78 7.90 41.41
CA LYS B 306 -19.59 7.32 42.01
C LYS B 306 -18.97 6.34 41.02
N GLU B 307 -17.66 6.47 40.77
CA GLU B 307 -17.00 5.55 39.87
C GLU B 307 -17.10 4.13 40.43
N PRO B 308 -17.19 3.11 39.57
CA PRO B 308 -17.29 1.73 40.06
C PRO B 308 -16.13 1.39 40.98
N SER B 309 -16.45 0.70 42.08
CA SER B 309 -15.42 0.33 43.04
C SER B 309 -14.43 -0.66 42.41
N VAL B 310 -14.95 -1.64 41.68
CA VAL B 310 -14.14 -2.65 41.00
C VAL B 310 -14.38 -2.52 39.50
N LYS B 311 -13.30 -2.50 38.72
CA LYS B 311 -13.50 -2.23 37.31
C LYS B 311 -12.56 -3.04 36.42
N MET B 312 -12.93 -3.09 35.14
CA MET B 312 -12.07 -3.62 34.11
C MET B 312 -12.09 -2.67 32.94
N TYR B 313 -11.22 -2.90 31.96
CA TYR B 313 -11.02 -1.96 30.87
C TYR B 313 -10.75 -2.71 29.58
N HIS B 314 -11.21 -2.17 28.45
CA HIS B 314 -10.81 -2.79 27.19
C HIS B 314 -10.80 -1.74 26.07
N LYS B 315 -10.25 -2.15 24.92
CA LYS B 315 -10.27 -1.30 23.74
C LYS B 315 -10.09 -2.19 22.52
N THR B 316 -10.95 -1.99 21.53
CA THR B 316 -10.75 -2.61 20.22
C THR B 316 -9.99 -1.65 19.32
N GLY B 317 -9.39 -2.22 18.29
CA GLY B 317 -8.77 -1.38 17.28
C GLY B 317 -8.74 -2.11 15.96
N SER B 318 -8.98 -1.39 14.86
CA SER B 318 -8.83 -1.98 13.54
C SER B 318 -8.21 -0.97 12.58
N THR B 319 -7.48 -1.50 11.60
CA THR B 319 -7.22 -0.80 10.34
C THR B 319 -7.80 -1.65 9.23
N ASN B 320 -7.61 -1.23 7.97
CA ASN B 320 -8.22 -2.01 6.90
C ASN B 320 -7.68 -3.43 6.83
N GLY B 321 -6.47 -3.65 7.35
CA GLY B 321 -5.85 -4.95 7.27
C GLY B 321 -5.55 -5.62 8.61
N PHE B 322 -5.85 -4.97 9.75
CA PHE B 322 -5.47 -5.49 11.07
C PHE B 322 -6.62 -5.42 12.07
N GLY B 323 -6.62 -6.36 13.01
CA GLY B 323 -7.49 -6.28 14.18
C GLY B 323 -6.68 -6.33 15.47
N THR B 324 -7.17 -5.63 16.48
CA THR B 324 -6.52 -5.56 17.79
C THR B 324 -7.60 -5.63 18.86
N TYR B 325 -7.26 -6.24 19.99
CA TYR B 325 -8.09 -6.15 21.18
C TYR B 325 -7.19 -6.21 22.41
N VAL B 326 -7.39 -5.30 23.36
CA VAL B 326 -6.66 -5.33 24.62
C VAL B 326 -7.67 -5.22 25.75
N VAL B 327 -7.41 -5.93 26.84
CA VAL B 327 -8.34 -5.99 27.97
C VAL B 327 -7.53 -6.29 29.23
N PHE B 328 -7.88 -5.67 30.35
CA PHE B 328 -7.21 -6.01 31.59
C PHE B 328 -8.16 -5.83 32.77
N ILE B 329 -7.92 -6.61 33.81
CA ILE B 329 -8.73 -6.60 35.03
C ILE B 329 -7.80 -6.43 36.22
N PRO B 330 -7.70 -5.23 36.79
CA PRO B 330 -6.72 -5.02 37.88
C PRO B 330 -6.92 -5.92 39.08
N LYS B 331 -8.18 -6.16 39.49
CA LYS B 331 -8.43 -6.99 40.67
C LYS B 331 -7.77 -8.36 40.52
N GLU B 332 -7.77 -8.90 39.32
CA GLU B 332 -7.24 -10.23 39.09
C GLU B 332 -5.81 -10.22 38.55
N ASN B 333 -5.17 -9.05 38.49
CA ASN B 333 -3.83 -8.88 37.94
C ASN B 333 -3.66 -9.63 36.62
N ILE B 334 -4.62 -9.45 35.71
CA ILE B 334 -4.60 -10.21 34.47
C ILE B 334 -5.01 -9.33 33.30
N GLY B 335 -4.46 -9.66 32.12
CA GLY B 335 -4.83 -8.96 30.90
C GLY B 335 -4.47 -9.78 29.67
N LEU B 336 -4.99 -9.35 28.53
CA LEU B 336 -4.85 -10.09 27.29
C LEU B 336 -4.72 -9.12 26.13
N VAL B 337 -3.90 -9.50 25.15
CA VAL B 337 -3.73 -8.74 23.91
C VAL B 337 -3.91 -9.72 22.74
N MET B 338 -4.75 -9.34 21.78
CA MET B 338 -4.86 -10.02 20.49
C MET B 338 -4.51 -9.10 19.35
N LEU B 339 -3.59 -9.55 18.49
CA LEU B 339 -3.21 -8.86 17.26
C LEU B 339 -3.41 -9.80 16.08
N THR B 340 -4.08 -9.32 15.04
CA THR B 340 -4.25 -10.11 13.82
C THR B 340 -3.95 -9.24 12.61
N ASN B 341 -3.41 -9.85 11.56
CA ASN B 341 -3.20 -9.12 10.30
C ASN B 341 -4.29 -9.43 9.28
N LYS B 342 -5.50 -9.64 9.77
CA LYS B 342 -6.74 -9.47 9.02
C LYS B 342 -7.79 -9.08 10.02
N ARG B 343 -8.70 -8.17 9.64
CA ARG B 343 -9.78 -7.86 10.56
C ARG B 343 -10.62 -9.09 10.81
N ILE B 344 -11.07 -9.25 12.04
CA ILE B 344 -12.16 -10.17 12.36
C ILE B 344 -13.16 -9.38 13.19
N PRO B 345 -14.41 -9.82 13.24
CA PRO B 345 -15.43 -9.05 13.96
C PRO B 345 -15.05 -8.80 15.41
N ASN B 346 -15.34 -7.57 15.87
CA ASN B 346 -15.06 -7.22 17.26
C ASN B 346 -15.66 -8.24 18.22
N GLU B 347 -16.88 -8.71 17.93
CA GLU B 347 -17.56 -9.62 18.85
C GLU B 347 -16.74 -10.90 19.06
N GLU B 348 -16.07 -11.37 18.01
CA GLU B 348 -15.26 -12.57 18.12
C GLU B 348 -14.03 -12.31 18.99
N ARG B 349 -13.44 -11.12 18.89
CA ARG B 349 -12.30 -10.84 19.74
C ARG B 349 -12.70 -10.81 21.20
N ILE B 350 -13.79 -10.11 21.48
CA ILE B 350 -14.25 -9.93 22.86
C ILE B 350 -14.67 -11.27 23.46
N LYS B 351 -15.47 -12.04 22.72
CA LYS B 351 -15.88 -13.37 23.20
C LYS B 351 -14.69 -14.27 23.51
N ALA B 352 -13.74 -14.37 22.58
CA ALA B 352 -12.62 -15.29 22.81
C ALA B 352 -11.79 -14.85 24.02
N ALA B 353 -11.60 -13.53 24.19
CA ALA B 353 -10.85 -13.05 25.34
C ALA B 353 -11.61 -13.31 26.61
N TYR B 354 -12.93 -13.16 26.56
CA TYR B 354 -13.78 -13.41 27.71
C TYR B 354 -13.68 -14.86 28.15
N ALA B 355 -13.77 -15.79 27.20
CA ALA B 355 -13.62 -17.21 27.53
C ALA B 355 -12.26 -17.48 28.18
N VAL B 356 -11.17 -16.94 27.61
CA VAL B 356 -9.84 -17.25 28.14
C VAL B 356 -9.70 -16.67 29.55
N LEU B 357 -10.02 -15.39 29.73
CA LEU B 357 -9.75 -14.77 31.03
C LEU B 357 -10.61 -15.37 32.13
N ASN B 358 -11.81 -15.85 31.80
CA ASN B 358 -12.65 -16.43 32.85
C ASN B 358 -12.34 -17.89 33.11
N ALA B 359 -11.50 -18.53 32.31
CA ALA B 359 -11.12 -19.91 32.53
C ALA B 359 -9.76 -20.06 33.20
N ILE B 360 -8.97 -18.99 33.29
CA ILE B 360 -7.64 -19.09 33.85
C ILE B 360 -7.74 -19.18 35.37
N LYS B 361 -6.99 -20.12 35.94
CA LYS B 361 -6.95 -20.32 37.40
C LYS B 361 -6.47 -19.08 38.12
B18 OZF C . 12.70 -2.88 -17.63
C01 OZF C . 15.44 -4.41 -15.57
C02 OZF C . 14.56 -4.47 -16.82
C03 OZF C . 14.22 -3.06 -17.28
C08 OZF C . 16.87 -0.92 -17.09
N04 OZF C . 14.96 -2.69 -18.47
O06 OZF C . 17.36 -3.46 -17.98
O07 OZF C . 17.16 -1.88 -19.62
O19 OZF C . 12.61 -1.53 -17.66
O20 OZF C . 11.96 -3.46 -16.65
O22 OZF C . 10.00 -3.47 -15.03
O23 OZF C . 11.02 -1.49 -15.17
O24 OZF C . 12.27 -3.40 -13.93
P21 OZF C . 11.35 -2.93 -15.21
S05 OZF C . 16.60 -2.25 -18.31
C10 OZF D . -8.65 5.07 9.47
C11 OZF D . -8.30 5.49 8.19
C12 OZF D . -7.63 4.63 7.32
C14 OZF D . -6.60 2.38 6.83
C17 OZF D . -7.67 2.92 9.02
B18 OZF D . -10.60 2.25 15.46
C01 OZF D . -13.14 4.29 13.75
C02 OZF D . -11.72 4.31 14.31
C03 OZF D . -11.33 2.84 14.20
C08 OZF D . -8.69 3.30 11.29
C09 OZF D . -8.34 3.78 9.88
C13 OZF D . -7.32 3.34 7.75
N04 OZF D . -10.71 2.39 12.95
O06 OZF D . -11.15 2.64 10.37
O07 OZF D . -10.99 4.65 11.50
O15 OZF D . -6.09 2.79 5.74
O16 OZF D . -6.53 1.16 7.18
O19 OZF D . -9.66 1.39 15.00
O20 OZF D . -11.58 1.36 15.58
O22 OZF D . -12.17 -0.54 16.99
O23 OZF D . -13.93 0.76 16.33
O24 OZF D . -12.42 1.78 18.13
P21 OZF D . -12.53 0.86 16.78
S05 OZF D . -10.48 3.28 11.51
#